data_3R88
#
_entry.id   3R88
#
_cell.length_a   94.312
_cell.length_b   78.849
_cell.length_c   100.494
_cell.angle_alpha   90.00
_cell.angle_beta   110.27
_cell.angle_gamma   90.00
#
_symmetry.space_group_name_H-M   'C 1 2 1'
#
loop_
_entity.id
_entity.type
_entity.pdbx_description
1 polymer 'Anthranilate phosphoribosyltransferase'
2 non-polymer 1-O-pyrophosphono-5-O-phosphono-alpha-D-ribofuranose
3 non-polymer 'MAGNESIUM ION'
4 non-polymer GLYCEROL
5 non-polymer '2-amino-4,5-dimethoxybenzoic acid'
6 water water
#
_entity_poly.entity_id   1
_entity_poly.type   'polypeptide(L)'
_entity_poly.pdbx_seq_one_letter_code
;ALSAEGSSGGSRGGSPKAEAASVPSWPQILGRLTDNRDLARGQAAWAMDQIMTGNARPAQIAAFAVAMTMKAPTADEVGE
LAGVMLSHAHPLPADTVPDDAVDVVGTGGDGVNTVNLSTMAAIVVAAAGVPVVKHGNRAASSLSGGADTLEALGVRIDLG
PDLVARSLAEVGIGFCFAPRFHPSYRHAAAVRREIGVPTVFNLLGPLTNPARPRAGLIGCAFADLAEVMAGVFAARRSSV
LVVHGDDGLDELTTTTTSTIWRVAAGSVDKLTFDPAGFGFARAQLDQLAGGDAQANAAAVRAVLGGARGPVRDAVVLNAA
GAIVAHAGLSSRAEWLPAWEEGLRRASAAIDTGAAEQLLARWVRFGRQILEHHHHHH
;
_entity_poly.pdbx_strand_id   A,B
#
loop_
_chem_comp.id
_chem_comp.type
_chem_comp.name
_chem_comp.formula
14F non-polymer '2-amino-4,5-dimethoxybenzoic acid' 'C9 H11 N O4'
GOL non-polymer GLYCEROL 'C3 H8 O3'
MG non-polymer 'MAGNESIUM ION' 'Mg 2'
PRP D-saccharide 1-O-pyrophosphono-5-O-phosphono-alpha-D-ribofuranose 'C5 H13 O14 P3'
#
# COMPACT_ATOMS: atom_id res chain seq x y z
N PRO A 24 8.92 9.45 15.57
CA PRO A 24 8.35 8.67 14.45
C PRO A 24 8.69 9.26 13.07
N SER A 25 8.61 8.43 12.04
CA SER A 25 8.88 8.85 10.68
C SER A 25 8.09 7.95 9.75
N TRP A 26 7.89 8.37 8.51
CA TRP A 26 7.17 7.53 7.56
C TRP A 26 7.90 6.20 7.25
N PRO A 27 9.23 6.22 7.05
CA PRO A 27 9.87 4.92 6.84
C PRO A 27 9.72 3.95 8.00
N GLN A 28 9.78 4.45 9.23
CA GLN A 28 9.59 3.62 10.40
C GLN A 28 8.19 3.02 10.44
N ILE A 29 7.19 3.87 10.26
CA ILE A 29 5.79 3.41 10.32
C ILE A 29 5.42 2.48 9.14
N LEU A 30 5.74 2.93 7.92
CA LEU A 30 5.44 2.12 6.74
C LEU A 30 6.18 0.80 6.75
N GLY A 31 7.43 0.79 7.24
CA GLY A 31 8.22 -0.45 7.31
C GLY A 31 7.63 -1.44 8.31
N ARG A 32 7.14 -0.91 9.43
CA ARG A 32 6.50 -1.74 10.42
C ARG A 32 5.26 -2.40 9.80
N LEU A 33 4.46 -1.60 9.11
CA LEU A 33 3.23 -2.12 8.51
C LEU A 33 3.51 -3.13 7.41
N THR A 34 4.51 -2.87 6.58
CA THR A 34 4.82 -3.78 5.45
C THR A 34 5.46 -5.07 5.96
N ASP A 35 6.05 -5.01 7.15
CA ASP A 35 6.51 -6.20 7.87
C ASP A 35 5.37 -6.96 8.55
N ASN A 36 4.14 -6.53 8.29
CA ASN A 36 2.96 -7.13 8.91
C ASN A 36 2.95 -7.11 10.43
N ARG A 37 3.35 -5.98 10.99
CA ARG A 37 3.40 -5.84 12.45
C ARG A 37 2.39 -4.76 12.85
N ASP A 38 1.74 -4.95 13.98
CA ASP A 38 0.95 -3.87 14.56
C ASP A 38 1.84 -2.69 14.93
N LEU A 39 1.29 -1.49 14.85
CA LEU A 39 2.03 -0.28 15.18
C LEU A 39 2.24 -0.18 16.68
N ALA A 40 3.29 0.55 17.07
CA ALA A 40 3.46 0.92 18.48
C ALA A 40 2.42 1.96 18.88
N ARG A 41 2.08 2.01 20.15
CA ARG A 41 1.11 3.00 20.60
C ARG A 41 1.55 4.39 20.19
N GLY A 42 0.61 5.16 19.65
CA GLY A 42 0.93 6.52 19.29
C GLY A 42 1.31 6.71 17.82
N GLN A 43 1.76 5.64 17.16
CA GLN A 43 2.25 5.77 15.77
C GLN A 43 1.16 6.07 14.76
N ALA A 44 0.04 5.34 14.86
CA ALA A 44 -1.11 5.62 14.01
C ALA A 44 -1.57 7.07 14.19
N ALA A 45 -1.62 7.52 15.45
CA ALA A 45 -2.00 8.92 15.75
C ALA A 45 -1.02 9.92 15.12
N TRP A 46 0.27 9.64 15.22
CA TRP A 46 1.28 10.53 14.62
C TRP A 46 1.03 10.66 13.13
N ALA A 47 0.86 9.50 12.49
CA ALA A 47 0.60 9.44 11.06
C ALA A 47 -0.65 10.25 10.68
N MET A 48 -1.74 10.03 11.40
CA MET A 48 -2.99 10.70 11.05
C MET A 48 -2.83 12.20 11.24
N ASP A 49 -2.11 12.58 12.29
CA ASP A 49 -1.90 14.00 12.54
C ASP A 49 -1.05 14.67 11.43
N GLN A 50 -0.03 13.96 10.95
CA GLN A 50 0.74 14.44 9.78
C GLN A 50 -0.18 14.64 8.57
N ILE A 51 -1.05 13.68 8.35
CA ILE A 51 -2.00 13.74 7.24
C ILE A 51 -2.97 14.93 7.40
N MET A 52 -3.49 15.12 8.61
CA MET A 52 -4.49 16.18 8.89
C MET A 52 -3.90 17.60 8.89
N THR A 53 -2.59 17.72 9.06
CA THR A 53 -1.95 19.03 9.10
C THR A 53 -1.34 19.44 7.76
N GLY A 54 -1.54 18.62 6.74
CA GLY A 54 -1.05 18.91 5.40
C GLY A 54 0.43 18.63 5.24
N ASN A 55 0.99 17.87 6.18
CA ASN A 55 2.44 17.60 6.20
C ASN A 55 2.86 16.29 5.55
N ALA A 56 1.90 15.54 5.02
CA ALA A 56 2.20 14.24 4.43
C ALA A 56 2.11 14.35 2.92
N ARG A 57 3.04 13.72 2.22
CA ARG A 57 2.97 13.62 0.76
C ARG A 57 1.83 12.67 0.35
N PRO A 58 1.16 12.95 -0.78
CA PRO A 58 0.12 12.02 -1.25
C PRO A 58 0.60 10.56 -1.31
N ALA A 59 1.83 10.33 -1.73
CA ALA A 59 2.40 8.98 -1.76
C ALA A 59 2.47 8.35 -0.37
N GLN A 60 2.80 9.16 0.64
CA GLN A 60 2.88 8.67 2.02
C GLN A 60 1.46 8.35 2.54
N ILE A 61 0.51 9.22 2.23
CA ILE A 61 -0.87 8.97 2.66
C ILE A 61 -1.37 7.65 2.07
N ALA A 62 -1.11 7.46 0.78
CA ALA A 62 -1.59 6.29 0.05
C ALA A 62 -0.89 5.03 0.58
N ALA A 63 0.43 5.09 0.74
CA ALA A 63 1.17 3.96 1.31
C ALA A 63 0.63 3.57 2.68
N PHE A 64 0.34 4.57 3.51
CA PHE A 64 -0.14 4.29 4.86
C PHE A 64 -1.52 3.63 4.81
N ALA A 65 -2.42 4.19 4.01
CA ALA A 65 -3.80 3.69 3.95
C ALA A 65 -3.83 2.25 3.47
N VAL A 66 -3.05 1.99 2.44
CA VAL A 66 -2.96 0.65 1.87
C VAL A 66 -2.28 -0.33 2.82
N ALA A 67 -1.14 0.07 3.37
CA ALA A 67 -0.40 -0.86 4.26
C ALA A 67 -1.17 -1.19 5.52
N MET A 68 -1.86 -0.23 6.12
CA MET A 68 -2.66 -0.54 7.30
C MET A 68 -3.78 -1.51 6.93
N THR A 69 -4.41 -1.27 5.78
CA THR A 69 -5.52 -2.11 5.32
C THR A 69 -5.04 -3.56 5.17
N MET A 70 -3.91 -3.74 4.49
CA MET A 70 -3.40 -5.09 4.23
C MET A 70 -2.80 -5.83 5.44
N LYS A 71 -2.29 -5.09 6.41
CA LYS A 71 -1.84 -5.66 7.67
C LYS A 71 -3.02 -6.25 8.49
N ALA A 72 -4.19 -5.62 8.35
CA ALA A 72 -5.39 -5.83 9.17
C ALA A 72 -5.30 -4.88 10.37
N PRO A 73 -6.05 -3.76 10.30
CA PRO A 73 -6.01 -2.76 11.36
C PRO A 73 -6.56 -3.31 12.65
N THR A 74 -5.99 -2.86 13.76
CA THR A 74 -6.52 -3.23 15.08
C THR A 74 -7.46 -2.16 15.54
N ALA A 75 -8.31 -2.48 16.51
CA ALA A 75 -9.18 -1.41 17.08
C ALA A 75 -8.36 -0.30 17.73
N ASP A 76 -7.22 -0.64 18.36
CA ASP A 76 -6.34 0.42 18.94
C ASP A 76 -5.91 1.42 17.85
N GLU A 77 -5.43 0.88 16.73
CA GLU A 77 -4.99 1.70 15.57
C GLU A 77 -6.09 2.57 14.97
N VAL A 78 -7.24 1.97 14.66
CA VAL A 78 -8.36 2.72 14.08
C VAL A 78 -8.87 3.78 15.08
N GLY A 79 -8.87 3.42 16.35
CA GLY A 79 -9.25 4.37 17.40
C GLY A 79 -8.31 5.58 17.42
N GLU A 80 -7.01 5.34 17.19
CA GLU A 80 -6.06 6.44 17.14
C GLU A 80 -6.35 7.36 15.97
N LEU A 81 -6.64 6.77 14.82
CA LEU A 81 -6.96 7.55 13.61
C LEU A 81 -8.19 8.43 13.82
N ALA A 82 -9.25 7.81 14.35
CA ALA A 82 -10.52 8.52 14.60
C ALA A 82 -10.32 9.61 15.66
N GLY A 83 -9.52 9.31 16.68
CA GLY A 83 -9.21 10.28 17.73
C GLY A 83 -8.55 11.54 17.19
N VAL A 84 -7.62 11.37 16.26
CA VAL A 84 -6.96 12.52 15.65
C VAL A 84 -7.97 13.30 14.83
N MET A 85 -8.79 12.61 14.06
CA MET A 85 -9.80 13.34 13.28
C MET A 85 -10.70 14.17 14.20
N LEU A 86 -11.12 13.56 15.30
CA LEU A 86 -12.01 14.25 16.21
C LEU A 86 -11.33 15.44 16.88
N SER A 87 -10.03 15.34 17.12
CA SER A 87 -9.27 16.47 17.67
C SER A 87 -9.27 17.68 16.74
N HIS A 88 -9.22 17.42 15.45
CA HIS A 88 -9.12 18.49 14.45
C HIS A 88 -10.49 18.96 13.96
N ALA A 89 -11.55 18.28 14.38
CA ALA A 89 -12.89 18.59 13.86
C ALA A 89 -13.45 19.83 14.56
N HIS A 90 -14.35 20.53 13.90
CA HIS A 90 -15.12 21.61 14.56
C HIS A 90 -16.10 20.93 15.48
N PRO A 91 -16.07 21.25 16.79
CA PRO A 91 -17.03 20.67 17.72
C PRO A 91 -18.35 21.43 17.74
N LEU A 92 -19.37 20.83 18.34
CA LEU A 92 -20.62 21.56 18.58
C LEU A 92 -20.47 22.37 19.87
N PRO A 93 -21.24 23.47 20.01
CA PRO A 93 -21.14 24.30 21.21
C PRO A 93 -21.34 23.49 22.49
N ALA A 94 -20.70 23.92 23.57
CA ALA A 94 -20.86 23.29 24.89
C ALA A 94 -22.34 23.16 25.28
N ASP A 95 -22.67 21.99 25.84
CA ASP A 95 -24.00 21.70 26.38
C ASP A 95 -25.13 21.87 25.36
N THR A 96 -24.87 21.50 24.10
CA THR A 96 -25.90 21.55 23.03
C THR A 96 -26.30 20.18 22.49
N VAL A 97 -25.53 19.15 22.85
CA VAL A 97 -25.84 17.79 22.38
C VAL A 97 -26.33 16.96 23.59
N PRO A 98 -27.58 16.46 23.54
CA PRO A 98 -28.11 15.62 24.63
C PRO A 98 -27.22 14.41 24.85
N ASP A 99 -27.06 13.99 26.10
CA ASP A 99 -26.21 12.85 26.42
C ASP A 99 -26.66 11.55 25.74
N ASP A 100 -27.91 11.53 25.30
CA ASP A 100 -28.47 10.32 24.67
C ASP A 100 -28.72 10.47 23.16
N ALA A 101 -28.03 11.39 22.52
CA ALA A 101 -28.17 11.56 21.06
C ALA A 101 -27.64 10.32 20.35
N VAL A 102 -28.24 10.02 19.20
CA VAL A 102 -27.90 8.81 18.44
C VAL A 102 -27.54 9.20 17.01
N ASP A 103 -26.66 8.41 16.39
CA ASP A 103 -26.29 8.53 15.00
C ASP A 103 -26.85 7.32 14.25
N VAL A 104 -27.10 7.50 12.96
CA VAL A 104 -27.43 6.41 12.06
C VAL A 104 -26.63 6.66 10.82
N VAL A 105 -25.53 5.93 10.65
CA VAL A 105 -24.62 6.22 9.53
C VAL A 105 -23.83 4.98 9.18
N GLY A 106 -23.49 4.83 7.90
CA GLY A 106 -22.66 3.71 7.48
C GLY A 106 -21.39 4.15 6.78
N THR A 107 -20.54 3.15 6.50
CA THR A 107 -19.33 3.35 5.72
C THR A 107 -19.62 3.69 4.25
N GLY A 108 -20.79 3.27 3.76
CA GLY A 108 -21.02 3.26 2.32
C GLY A 108 -20.16 2.18 1.68
N GLY A 109 -20.15 2.17 0.35
CA GLY A 109 -19.27 1.26 -0.39
C GLY A 109 -19.75 -0.16 -0.52
N ASP A 110 -21.03 -0.41 -0.27
CA ASP A 110 -21.56 -1.76 -0.46
C ASP A 110 -21.79 -2.13 -1.95
N GLY A 111 -21.71 -1.14 -2.84
CA GLY A 111 -21.74 -1.39 -4.29
C GLY A 111 -23.11 -1.80 -4.81
N VAL A 112 -24.12 -1.63 -3.96
CA VAL A 112 -25.51 -1.88 -4.30
C VAL A 112 -26.14 -0.52 -4.26
N ASN A 113 -26.78 -0.11 -5.34
CA ASN A 113 -27.32 1.24 -5.38
C ASN A 113 -28.70 1.30 -4.72
N THR A 114 -28.73 1.42 -3.39
CA THR A 114 -30.02 1.42 -2.67
C THR A 114 -30.57 2.83 -2.40
N VAL A 115 -31.83 2.88 -1.98
CA VAL A 115 -32.36 4.11 -1.40
C VAL A 115 -31.57 4.45 -0.13
N ASN A 116 -31.74 5.67 0.36
CA ASN A 116 -30.96 6.20 1.48
C ASN A 116 -31.56 5.77 2.81
N LEU A 117 -31.31 4.51 3.16
CA LEU A 117 -31.95 3.88 4.33
C LEU A 117 -31.60 4.52 5.69
N SER A 118 -30.33 4.87 5.91
CA SER A 118 -29.94 5.48 7.18
C SER A 118 -30.61 6.82 7.35
N THR A 119 -30.63 7.60 6.27
CA THR A 119 -31.22 8.94 6.30
C THR A 119 -32.73 8.86 6.60
N MET A 120 -33.44 7.94 5.93
CA MET A 120 -34.86 7.75 6.22
C MET A 120 -35.06 7.26 7.64
N ALA A 121 -34.27 6.26 8.06
CA ALA A 121 -34.32 5.77 9.43
C ALA A 121 -34.12 6.90 10.43
N ALA A 122 -33.13 7.77 10.16
CA ALA A 122 -32.81 8.85 11.10
C ALA A 122 -33.98 9.81 11.30
N ILE A 123 -34.68 10.12 10.21
CA ILE A 123 -35.87 10.97 10.31
C ILE A 123 -36.94 10.31 11.20
N VAL A 124 -37.17 9.03 10.98
CA VAL A 124 -38.16 8.27 11.77
C VAL A 124 -37.79 8.21 13.27
N VAL A 125 -36.52 7.96 13.54
CA VAL A 125 -36.02 7.91 14.92
C VAL A 125 -36.22 9.25 15.62
N ALA A 126 -35.84 10.35 14.95
CA ALA A 126 -36.05 11.66 15.54
C ALA A 126 -37.54 11.92 15.81
N ALA A 127 -38.40 11.48 14.88
CA ALA A 127 -39.85 11.67 15.03
C ALA A 127 -40.40 10.84 16.17
N ALA A 128 -39.73 9.74 16.48
CA ALA A 128 -40.09 8.95 17.64
C ALA A 128 -39.65 9.59 18.96
N GLY A 129 -38.90 10.69 18.89
CA GLY A 129 -38.49 11.43 20.09
C GLY A 129 -37.07 11.19 20.54
N VAL A 130 -36.30 10.43 19.78
CA VAL A 130 -34.90 10.20 20.14
C VAL A 130 -34.07 11.29 19.45
N PRO A 131 -33.24 12.05 20.20
CA PRO A 131 -32.43 13.08 19.51
C PRO A 131 -31.43 12.45 18.55
N VAL A 132 -31.34 13.00 17.35
CA VAL A 132 -30.47 12.41 16.33
C VAL A 132 -29.51 13.46 15.82
N VAL A 133 -28.22 13.16 15.87
CA VAL A 133 -27.25 14.03 15.19
C VAL A 133 -26.62 13.14 14.15
N LYS A 134 -27.01 13.32 12.90
CA LYS A 134 -26.50 12.44 11.88
C LYS A 134 -25.25 13.01 11.23
N HIS A 135 -24.24 12.17 11.08
CA HIS A 135 -23.04 12.49 10.32
C HIS A 135 -23.29 12.01 8.90
N GLY A 136 -23.03 12.86 7.92
CA GLY A 136 -23.35 12.45 6.56
C GLY A 136 -22.43 13.02 5.50
N ASN A 137 -22.65 12.57 4.28
CA ASN A 137 -21.82 12.99 3.14
C ASN A 137 -22.52 12.75 1.83
N ARG A 138 -21.99 13.35 0.76
CA ARG A 138 -22.45 13.08 -0.58
C ARG A 138 -21.98 11.69 -1.03
N ALA A 139 -22.43 11.27 -2.21
CA ALA A 139 -22.11 9.93 -2.74
C ALA A 139 -20.61 9.81 -3.00
N ALA A 140 -20.07 8.59 -2.86
CA ALA A 140 -18.71 8.28 -3.28
C ALA A 140 -18.75 7.30 -4.44
N SER A 141 -19.43 6.18 -4.24
CA SER A 141 -19.53 5.12 -5.25
C SER A 141 -20.96 4.98 -5.76
N SER A 142 -21.92 5.59 -5.05
CA SER A 142 -23.34 5.50 -5.43
C SER A 142 -23.82 6.73 -6.21
N LEU A 143 -25.06 6.67 -6.67
CA LEU A 143 -25.65 7.79 -7.43
C LEU A 143 -26.14 8.93 -6.54
N SER A 144 -26.56 8.61 -5.31
CA SER A 144 -27.06 9.63 -4.39
C SER A 144 -26.75 9.26 -2.94
N GLY A 145 -25.95 10.09 -2.29
CA GLY A 145 -25.65 9.91 -0.86
C GLY A 145 -26.72 10.55 0.00
N GLY A 146 -26.68 10.25 1.30
CA GLY A 146 -27.65 10.83 2.23
C GLY A 146 -27.71 12.33 2.10
N ALA A 147 -26.56 12.98 1.99
CA ALA A 147 -26.52 14.44 1.90
C ALA A 147 -27.17 14.96 0.61
N ASP A 148 -26.92 14.26 -0.50
CA ASP A 148 -27.52 14.57 -1.81
C ASP A 148 -29.05 14.52 -1.76
N THR A 149 -29.56 13.48 -1.14
CA THR A 149 -31.00 13.24 -1.02
C THR A 149 -31.66 14.25 -0.08
N LEU A 150 -31.02 14.55 1.04
CA LEU A 150 -31.53 15.60 1.94
C LEU A 150 -31.62 16.95 1.23
N GLU A 151 -30.59 17.26 0.43
CA GLU A 151 -30.56 18.53 -0.26
C GLU A 151 -31.73 18.60 -1.25
N ALA A 152 -32.01 17.47 -1.92
CA ALA A 152 -33.11 17.35 -2.89
C ALA A 152 -34.49 17.49 -2.23
N LEU A 153 -34.55 17.15 -0.94
CA LEU A 153 -35.78 17.29 -0.14
C LEU A 153 -35.98 18.69 0.43
N GLY A 154 -34.98 19.57 0.26
CA GLY A 154 -35.06 20.95 0.72
C GLY A 154 -34.44 21.20 2.08
N VAL A 155 -33.80 20.18 2.65
CA VAL A 155 -33.09 20.29 3.92
C VAL A 155 -31.72 20.94 3.72
N ARG A 156 -31.35 21.82 4.63
CA ARG A 156 -30.05 22.49 4.64
C ARG A 156 -29.00 21.53 5.14
N ILE A 157 -28.09 21.14 4.24
CA ILE A 157 -27.04 20.22 4.64
C ILE A 157 -25.77 20.90 5.15
N ASP A 158 -25.58 22.16 4.78
CA ASP A 158 -24.31 22.86 5.00
C ASP A 158 -24.29 23.84 6.17
N LEU A 159 -24.93 23.48 7.28
CA LEU A 159 -24.92 24.31 8.48
C LEU A 159 -23.66 24.09 9.32
N GLY A 160 -23.16 25.16 9.94
CA GLY A 160 -22.06 25.08 10.89
C GLY A 160 -22.52 24.66 12.29
N PRO A 161 -21.57 24.49 13.23
CA PRO A 161 -21.82 23.99 14.59
C PRO A 161 -23.01 24.62 15.34
N ASP A 162 -23.09 25.95 15.31
CA ASP A 162 -24.12 26.68 16.05
C ASP A 162 -25.52 26.37 15.53
N LEU A 163 -25.67 26.36 14.21
CA LEU A 163 -26.95 26.09 13.59
C LEU A 163 -27.34 24.62 13.64
N VAL A 164 -26.35 23.72 13.61
CA VAL A 164 -26.66 22.28 13.81
C VAL A 164 -27.23 22.08 15.23
N ALA A 165 -26.60 22.70 16.22
CA ALA A 165 -27.12 22.67 17.58
C ALA A 165 -28.54 23.23 17.66
N ARG A 166 -28.79 24.32 16.93
CA ARG A 166 -30.16 24.90 16.87
C ARG A 166 -31.16 23.95 16.22
N SER A 167 -30.74 23.31 15.12
CA SER A 167 -31.58 22.31 14.45
C SER A 167 -31.96 21.19 15.40
N LEU A 168 -30.97 20.66 16.13
CA LEU A 168 -31.21 19.57 17.06
C LEU A 168 -32.24 19.98 18.13
N ALA A 169 -32.08 21.18 18.67
CA ALA A 169 -32.94 21.67 19.75
C ALA A 169 -34.36 21.95 19.25
N GLU A 170 -34.45 22.56 18.07
CA GLU A 170 -35.74 23.03 17.55
C GLU A 170 -36.55 21.99 16.78
N VAL A 171 -35.86 21.09 16.07
CA VAL A 171 -36.48 20.12 15.18
C VAL A 171 -36.37 18.71 15.74
N GLY A 172 -35.26 18.43 16.44
CA GLY A 172 -35.04 17.10 17.07
C GLY A 172 -34.00 16.31 16.30
N ILE A 173 -33.47 16.92 15.26
CA ILE A 173 -32.45 16.28 14.43
C ILE A 173 -31.52 17.36 13.91
N GLY A 174 -30.23 17.05 13.89
CA GLY A 174 -29.25 17.91 13.23
C GLY A 174 -28.46 17.02 12.28
N PHE A 175 -27.94 17.61 11.21
CA PHE A 175 -27.12 16.93 10.22
C PHE A 175 -25.77 17.61 10.16
N CYS A 176 -24.72 16.86 10.51
CA CYS A 176 -23.33 17.31 10.40
C CYS A 176 -22.76 16.84 9.07
N PHE A 177 -22.63 17.77 8.12
CA PHE A 177 -22.02 17.48 6.83
C PHE A 177 -20.50 17.31 7.04
N ALA A 178 -20.02 16.11 6.75
CA ALA A 178 -18.62 15.73 7.04
C ALA A 178 -17.56 16.72 6.56
N PRO A 179 -17.63 17.16 5.27
CA PRO A 179 -16.63 18.13 4.79
C PRO A 179 -16.67 19.48 5.51
N ARG A 180 -17.85 19.87 5.99
CA ARG A 180 -17.98 21.08 6.75
C ARG A 180 -17.32 21.01 8.13
N PHE A 181 -17.41 19.86 8.79
CA PHE A 181 -16.88 19.71 10.12
C PHE A 181 -15.46 19.18 10.17
N HIS A 182 -15.01 18.61 9.06
CA HIS A 182 -13.67 18.03 9.00
C HIS A 182 -12.84 18.61 7.85
N PRO A 183 -12.62 19.94 7.84
CA PRO A 183 -11.90 20.52 6.70
C PRO A 183 -10.48 19.98 6.52
N SER A 184 -9.84 19.58 7.63
CA SER A 184 -8.45 19.10 7.58
C SER A 184 -8.34 17.70 6.97
N TYR A 185 -9.47 17.04 6.78
CA TYR A 185 -9.48 15.73 6.13
C TYR A 185 -9.32 15.81 4.60
N ARG A 186 -9.33 17.03 4.06
CA ARG A 186 -9.32 17.23 2.61
C ARG A 186 -8.12 16.56 1.90
N HIS A 187 -6.97 16.51 2.57
CA HIS A 187 -5.79 15.86 1.95
C HIS A 187 -5.96 14.35 1.81
N ALA A 188 -6.48 13.71 2.85
CA ALA A 188 -6.82 12.28 2.81
C ALA A 188 -7.94 11.93 1.83
N ALA A 189 -9.01 12.74 1.84
CA ALA A 189 -10.13 12.53 0.94
C ALA A 189 -9.69 12.48 -0.53
N ALA A 190 -8.77 13.37 -0.90
CA ALA A 190 -8.25 13.43 -2.26
C ALA A 190 -7.50 12.15 -2.67
N VAL A 191 -6.72 11.60 -1.74
CA VAL A 191 -5.97 10.36 -2.02
C VAL A 191 -6.93 9.19 -2.12
N ARG A 192 -7.93 9.14 -1.22
CA ARG A 192 -8.94 8.10 -1.23
C ARG A 192 -9.60 8.00 -2.61
N ARG A 193 -9.92 9.15 -3.19
CA ARG A 193 -10.52 9.21 -4.54
C ARG A 193 -9.55 8.71 -5.62
N GLU A 194 -8.28 9.14 -5.55
CA GLU A 194 -7.30 8.77 -6.58
C GLU A 194 -7.05 7.26 -6.62
N ILE A 195 -6.99 6.63 -5.45
CA ILE A 195 -6.70 5.20 -5.44
C ILE A 195 -7.92 4.31 -5.66
N GLY A 196 -9.10 4.83 -5.32
CA GLY A 196 -10.37 4.14 -5.53
C GLY A 196 -10.67 2.99 -4.58
N VAL A 197 -9.68 2.14 -4.34
CA VAL A 197 -9.84 0.94 -3.51
C VAL A 197 -10.25 1.35 -2.07
N PRO A 198 -11.24 0.65 -1.47
CA PRO A 198 -11.53 0.91 -0.05
C PRO A 198 -10.29 0.65 0.79
N THR A 199 -10.12 1.42 1.85
CA THR A 199 -9.05 1.23 2.82
C THR A 199 -9.61 1.43 4.22
N VAL A 200 -8.74 1.28 5.22
CA VAL A 200 -9.09 1.65 6.60
C VAL A 200 -9.72 3.05 6.69
N PHE A 201 -9.40 3.99 5.77
CA PHE A 201 -10.00 5.33 5.84
C PHE A 201 -11.52 5.29 5.67
N ASN A 202 -12.03 4.28 4.96
CA ASN A 202 -13.48 4.13 4.73
C ASN A 202 -14.25 3.84 6.03
N LEU A 203 -13.53 3.45 7.08
CA LEU A 203 -14.17 3.17 8.38
C LEU A 203 -14.40 4.43 9.21
N LEU A 204 -13.71 5.50 8.83
CA LEU A 204 -13.59 6.63 9.75
C LEU A 204 -14.83 7.52 9.85
N GLY A 205 -15.58 7.67 8.76
CA GLY A 205 -16.77 8.55 8.79
C GLY A 205 -17.72 8.23 9.96
N PRO A 206 -18.15 6.96 10.12
CA PRO A 206 -19.06 6.65 11.22
C PRO A 206 -18.42 6.75 12.62
N LEU A 207 -17.09 6.75 12.67
CA LEU A 207 -16.38 6.85 13.94
C LEU A 207 -16.02 8.29 14.29
N THR A 208 -16.40 9.24 13.45
CA THR A 208 -15.89 10.61 13.63
C THR A 208 -16.99 11.68 13.63
N ASN A 209 -18.18 11.30 14.07
CA ASN A 209 -19.27 12.28 14.19
C ASN A 209 -18.82 13.39 15.16
N PRO A 210 -18.73 14.66 14.69
CA PRO A 210 -18.15 15.75 15.50
C PRO A 210 -18.97 16.10 16.74
N ALA A 211 -20.22 15.64 16.78
CA ALA A 211 -21.09 15.83 17.95
C ALA A 211 -20.85 14.77 19.03
N ARG A 212 -20.06 13.75 18.67
CA ARG A 212 -19.68 12.65 19.56
C ARG A 212 -20.87 11.99 20.28
N PRO A 213 -21.93 11.63 19.52
CA PRO A 213 -23.04 10.92 20.17
C PRO A 213 -22.54 9.60 20.75
N ARG A 214 -23.16 9.12 21.83
CA ARG A 214 -22.70 7.94 22.53
C ARG A 214 -23.47 6.69 22.09
N ALA A 215 -24.48 6.89 21.24
CA ALA A 215 -25.23 5.76 20.69
C ALA A 215 -25.29 5.81 19.17
N GLY A 216 -25.49 4.64 18.55
CA GLY A 216 -25.61 4.63 17.13
C GLY A 216 -25.98 3.30 16.50
N LEU A 217 -26.57 3.39 15.31
CA LEU A 217 -26.70 2.26 14.40
C LEU A 217 -25.71 2.49 13.26
N ILE A 218 -24.68 1.65 13.21
CA ILE A 218 -23.52 1.95 12.38
C ILE A 218 -23.36 0.84 11.33
N GLY A 219 -23.51 1.20 10.06
CA GLY A 219 -23.43 0.20 8.99
C GLY A 219 -22.00 0.00 8.55
N CYS A 220 -21.64 -1.24 8.22
CA CYS A 220 -20.27 -1.50 7.75
C CYS A 220 -20.37 -2.42 6.54
N ALA A 221 -19.85 -1.96 5.41
CA ALA A 221 -19.93 -2.72 4.15
C ALA A 221 -18.90 -3.85 4.11
N PHE A 222 -17.93 -3.77 5.02
CA PHE A 222 -16.74 -4.62 4.94
C PHE A 222 -16.79 -5.59 6.11
N ALA A 223 -17.21 -6.81 5.81
CA ALA A 223 -17.49 -7.82 6.83
C ALA A 223 -16.31 -8.08 7.74
N ASP A 224 -15.11 -8.04 7.17
CA ASP A 224 -13.87 -8.31 7.89
C ASP A 224 -13.46 -7.21 8.88
N LEU A 225 -14.05 -6.01 8.73
CA LEU A 225 -13.64 -4.84 9.51
C LEU A 225 -14.70 -4.36 10.48
N ALA A 226 -15.88 -4.98 10.44
CA ALA A 226 -16.96 -4.59 11.36
C ALA A 226 -16.62 -4.81 12.84
N GLU A 227 -15.93 -5.90 13.14
CA GLU A 227 -15.52 -6.16 14.50
C GLU A 227 -14.54 -5.10 15.01
N VAL A 228 -13.64 -4.66 14.13
CA VAL A 228 -12.69 -3.62 14.50
C VAL A 228 -13.45 -2.33 14.77
N MET A 229 -14.43 -2.00 13.93
CA MET A 229 -15.23 -0.79 14.21
C MET A 229 -15.92 -0.88 15.56
N ALA A 230 -16.48 -2.05 15.86
CA ALA A 230 -17.19 -2.30 17.11
C ALA A 230 -16.21 -2.17 18.29
N GLY A 231 -14.97 -2.60 18.09
CA GLY A 231 -13.95 -2.44 19.13
C GLY A 231 -13.64 -0.99 19.46
N VAL A 232 -13.63 -0.14 18.44
CA VAL A 232 -13.39 1.30 18.65
C VAL A 232 -14.53 1.91 19.47
N PHE A 233 -15.76 1.57 19.13
CA PHE A 233 -16.91 2.05 19.91
C PHE A 233 -16.91 1.50 21.34
N ALA A 234 -16.48 0.25 21.51
CA ALA A 234 -16.37 -0.38 22.83
C ALA A 234 -15.38 0.39 23.70
N ALA A 235 -14.27 0.80 23.09
CA ALA A 235 -13.25 1.54 23.86
C ALA A 235 -13.77 2.89 24.39
N ARG A 236 -14.64 3.56 23.64
CA ARG A 236 -15.22 4.81 24.14
C ARG A 236 -16.56 4.61 24.88
N ARG A 237 -16.88 3.35 25.19
CA ARG A 237 -18.09 2.92 25.91
C ARG A 237 -19.37 3.52 25.32
N SER A 238 -19.46 3.42 24.01
CA SER A 238 -20.70 3.78 23.29
C SER A 238 -21.67 2.59 23.35
N SER A 239 -22.95 2.89 23.12
CA SER A 239 -23.96 1.85 22.91
C SER A 239 -24.26 1.82 21.42
N VAL A 240 -23.72 0.83 20.73
CA VAL A 240 -23.79 0.81 19.28
C VAL A 240 -24.13 -0.57 18.80
N LEU A 241 -24.91 -0.62 17.72
CA LEU A 241 -25.02 -1.84 16.94
C LEU A 241 -24.27 -1.59 15.65
N VAL A 242 -23.20 -2.35 15.40
CA VAL A 242 -22.51 -2.28 14.14
C VAL A 242 -23.12 -3.37 13.26
N VAL A 243 -23.62 -3.00 12.10
CA VAL A 243 -24.40 -3.96 11.28
C VAL A 243 -23.85 -4.16 9.89
N HIS A 244 -23.89 -5.41 9.42
CA HIS A 244 -23.50 -5.79 8.08
C HIS A 244 -24.54 -6.78 7.56
N GLY A 245 -25.32 -6.36 6.56
CA GLY A 245 -26.30 -7.25 5.94
C GLY A 245 -25.58 -8.42 5.30
N ASP A 246 -26.11 -9.63 5.46
CA ASP A 246 -25.41 -10.80 4.93
C ASP A 246 -25.49 -10.86 3.41
N ASP A 247 -26.24 -9.92 2.84
CA ASP A 247 -26.29 -9.69 1.41
C ASP A 247 -25.28 -8.62 0.97
N GLY A 248 -24.51 -8.08 1.91
CA GLY A 248 -23.55 -7.04 1.59
C GLY A 248 -23.89 -5.59 1.98
N LEU A 249 -25.14 -5.33 2.35
CA LEU A 249 -25.54 -3.94 2.65
C LEU A 249 -24.93 -3.43 3.93
N ASP A 250 -24.58 -2.14 3.95
CA ASP A 250 -24.09 -1.48 5.18
C ASP A 250 -25.31 -0.96 5.96
N GLU A 251 -26.33 -1.80 6.04
CA GLU A 251 -27.58 -1.52 6.73
C GLU A 251 -28.14 -2.83 7.27
N LEU A 252 -29.17 -2.74 8.12
CA LEU A 252 -29.92 -3.94 8.48
C LEU A 252 -30.76 -4.25 7.27
N THR A 253 -30.58 -5.43 6.71
CA THR A 253 -31.30 -5.77 5.49
C THR A 253 -32.60 -6.51 5.73
N THR A 254 -33.47 -6.50 4.72
CA THR A 254 -34.69 -7.30 4.76
C THR A 254 -34.64 -8.46 3.78
N THR A 255 -33.54 -8.57 3.03
CA THR A 255 -33.41 -9.65 2.01
C THR A 255 -32.93 -10.98 2.60
N THR A 256 -32.32 -10.93 3.79
CA THR A 256 -31.71 -12.09 4.45
C THR A 256 -31.34 -11.69 5.88
N THR A 257 -30.51 -12.49 6.54
CA THR A 257 -30.01 -12.12 7.86
C THR A 257 -28.97 -10.99 7.79
N SER A 258 -28.69 -10.39 8.95
CA SER A 258 -27.61 -9.42 9.12
C SER A 258 -26.72 -9.86 10.27
N THR A 259 -25.43 -9.53 10.19
CA THR A 259 -24.54 -9.73 11.33
C THR A 259 -24.52 -8.43 12.12
N ILE A 260 -24.68 -8.53 13.42
CA ILE A 260 -24.61 -7.35 14.30
C ILE A 260 -23.51 -7.56 15.33
N TRP A 261 -22.59 -6.61 15.42
CA TRP A 261 -21.71 -6.60 16.56
C TRP A 261 -22.30 -5.63 17.57
N ARG A 262 -22.80 -6.17 18.67
CA ARG A 262 -23.51 -5.38 19.68
C ARG A 262 -22.51 -4.86 20.71
N VAL A 263 -22.42 -3.54 20.83
CA VAL A 263 -21.47 -2.92 21.73
C VAL A 263 -22.24 -2.35 22.91
N ALA A 264 -21.94 -2.85 24.10
CA ALA A 264 -22.59 -2.41 25.33
C ALA A 264 -21.65 -2.71 26.49
N ALA A 265 -21.57 -1.79 27.45
CA ALA A 265 -20.69 -1.91 28.63
C ALA A 265 -19.19 -2.20 28.32
N GLY A 266 -18.69 -1.63 27.21
CA GLY A 266 -17.28 -1.75 26.85
C GLY A 266 -16.87 -3.07 26.22
N SER A 267 -17.87 -3.89 25.89
CA SER A 267 -17.61 -5.19 25.26
C SER A 267 -18.49 -5.39 24.03
N VAL A 268 -18.08 -6.36 23.22
CA VAL A 268 -18.65 -6.63 21.92
C VAL A 268 -19.18 -8.08 21.88
N ASP A 269 -20.44 -8.21 21.45
CA ASP A 269 -21.17 -9.48 21.30
C ASP A 269 -21.53 -9.62 19.82
N LYS A 270 -21.12 -10.73 19.19
CA LYS A 270 -21.45 -10.96 17.78
C LYS A 270 -22.76 -11.74 17.70
N LEU A 271 -23.71 -11.18 16.96
CA LEU A 271 -25.03 -11.78 16.84
C LEU A 271 -25.37 -11.87 15.37
N THR A 272 -26.28 -12.81 15.03
CA THR A 272 -26.92 -12.80 13.72
C THR A 272 -28.38 -12.41 13.96
N PHE A 273 -28.90 -11.58 13.08
CA PHE A 273 -30.25 -11.05 13.24
C PHE A 273 -31.10 -11.48 12.06
N ASP A 274 -32.30 -12.00 12.36
CA ASP A 274 -33.24 -12.40 11.31
C ASP A 274 -34.57 -11.67 11.44
N PRO A 275 -34.87 -10.79 10.47
CA PRO A 275 -36.12 -10.00 10.52
C PRO A 275 -37.38 -10.86 10.47
N ALA A 276 -37.24 -12.11 9.98
CA ALA A 276 -38.39 -13.02 9.98
C ALA A 276 -38.93 -13.31 11.37
N GLY A 277 -38.07 -13.19 12.39
CA GLY A 277 -38.48 -13.36 13.79
C GLY A 277 -39.43 -12.27 14.28
N PHE A 278 -39.56 -11.20 13.49
CA PHE A 278 -40.44 -10.07 13.83
C PHE A 278 -41.52 -9.89 12.78
N GLY A 279 -41.72 -10.95 11.98
CA GLY A 279 -42.78 -10.99 10.99
C GLY A 279 -42.50 -10.33 9.65
N PHE A 280 -41.24 -9.95 9.39
CA PHE A 280 -40.90 -9.33 8.11
C PHE A 280 -40.73 -10.38 7.02
N ALA A 281 -41.38 -10.14 5.88
CA ALA A 281 -41.23 -10.96 4.69
C ALA A 281 -39.90 -10.64 4.01
N ARG A 282 -39.31 -11.65 3.37
CA ARG A 282 -38.06 -11.46 2.65
C ARG A 282 -38.28 -10.57 1.43
N ALA A 283 -37.41 -9.61 1.25
CA ALA A 283 -37.47 -8.76 0.08
C ALA A 283 -36.37 -9.18 -0.87
N GLN A 284 -36.43 -8.68 -2.10
CA GLN A 284 -35.35 -8.82 -3.04
C GLN A 284 -34.57 -7.53 -3.05
N LEU A 285 -33.27 -7.65 -3.27
CA LEU A 285 -32.41 -6.47 -3.33
C LEU A 285 -32.90 -5.46 -4.36
N ASP A 286 -33.48 -5.93 -5.48
CA ASP A 286 -33.98 -5.04 -6.53
C ASP A 286 -35.06 -4.10 -5.99
N GLN A 287 -35.81 -4.56 -5.01
CA GLN A 287 -36.88 -3.79 -4.39
C GLN A 287 -36.39 -2.60 -3.54
N LEU A 288 -35.10 -2.61 -3.20
CA LEU A 288 -34.50 -1.53 -2.41
C LEU A 288 -33.66 -0.57 -3.27
N ALA A 289 -33.70 -0.82 -4.59
CA ALA A 289 -32.88 -0.07 -5.53
C ALA A 289 -33.20 1.42 -5.53
N GLY A 290 -32.16 2.23 -5.63
CA GLY A 290 -32.30 3.66 -5.68
C GLY A 290 -31.98 4.20 -7.06
N GLY A 291 -32.01 5.51 -7.18
CA GLY A 291 -31.64 6.22 -8.40
C GLY A 291 -30.92 7.49 -8.02
N ASP A 292 -31.18 8.56 -8.76
CA ASP A 292 -30.52 9.82 -8.48
C ASP A 292 -31.14 10.51 -7.26
N ALA A 293 -30.65 11.70 -6.95
CA ALA A 293 -31.12 12.42 -5.77
C ALA A 293 -32.64 12.65 -5.82
N GLN A 294 -33.16 13.02 -6.99
CA GLN A 294 -34.60 13.26 -7.15
C GLN A 294 -35.44 12.02 -6.92
N ALA A 295 -35.03 10.90 -7.51
CA ALA A 295 -35.68 9.62 -7.29
C ALA A 295 -35.62 9.21 -5.81
N ASN A 296 -34.47 9.44 -5.17
CA ASN A 296 -34.34 8.99 -3.79
C ASN A 296 -35.15 9.89 -2.84
N ALA A 297 -35.26 11.18 -3.18
CA ALA A 297 -36.11 12.11 -2.46
C ALA A 297 -37.58 11.64 -2.54
N ALA A 298 -38.01 11.26 -3.75
CA ALA A 298 -39.36 10.73 -3.96
C ALA A 298 -39.61 9.50 -3.09
N ALA A 299 -38.59 8.64 -2.96
CA ALA A 299 -38.69 7.43 -2.18
C ALA A 299 -38.90 7.77 -0.69
N VAL A 300 -38.21 8.82 -0.21
CA VAL A 300 -38.35 9.28 1.18
C VAL A 300 -39.78 9.78 1.38
N ARG A 301 -40.24 10.59 0.43
CA ARG A 301 -41.60 11.13 0.52
C ARG A 301 -42.64 10.02 0.55
N ALA A 302 -42.44 8.98 -0.26
CA ALA A 302 -43.36 7.84 -0.30
C ALA A 302 -43.43 7.09 1.04
N VAL A 303 -42.28 6.84 1.67
CA VAL A 303 -42.27 6.10 2.92
C VAL A 303 -42.93 6.91 4.04
N LEU A 304 -42.56 8.18 4.12
CA LEU A 304 -43.05 9.07 5.17
C LEU A 304 -44.56 9.30 5.02
N GLY A 305 -45.04 9.18 3.78
CA GLY A 305 -46.46 9.29 3.49
C GLY A 305 -47.27 8.03 3.70
N GLY A 306 -46.63 6.98 4.19
CA GLY A 306 -47.32 5.76 4.57
C GLY A 306 -47.40 4.69 3.50
N ALA A 307 -46.67 4.84 2.39
CA ALA A 307 -46.59 3.74 1.40
C ALA A 307 -46.06 2.45 2.03
N ARG A 308 -46.84 1.38 1.92
CA ARG A 308 -46.42 0.08 2.43
C ARG A 308 -45.62 -0.66 1.38
N GLY A 309 -44.77 -1.57 1.84
CA GLY A 309 -43.91 -2.28 0.92
C GLY A 309 -42.48 -2.36 1.39
N PRO A 310 -41.60 -2.89 0.52
CA PRO A 310 -40.22 -3.23 0.90
C PRO A 310 -39.42 -2.10 1.53
N VAL A 311 -39.50 -0.91 0.96
CA VAL A 311 -38.67 0.19 1.44
C VAL A 311 -39.12 0.57 2.85
N ARG A 312 -40.43 0.64 3.07
CA ARG A 312 -40.93 0.95 4.41
C ARG A 312 -40.39 -0.08 5.42
N ASP A 313 -40.45 -1.37 5.08
CA ASP A 313 -40.01 -2.40 6.01
C ASP A 313 -38.56 -2.20 6.43
N ALA A 314 -37.70 -1.92 5.45
CA ALA A 314 -36.27 -1.71 5.71
C ALA A 314 -36.05 -0.45 6.55
N VAL A 315 -36.86 0.58 6.32
CA VAL A 315 -36.72 1.82 7.11
C VAL A 315 -37.12 1.59 8.56
N VAL A 316 -38.25 0.93 8.78
CA VAL A 316 -38.74 0.61 10.11
C VAL A 316 -37.72 -0.26 10.85
N LEU A 317 -37.15 -1.23 10.14
CA LEU A 317 -36.17 -2.11 10.77
C LEU A 317 -34.94 -1.33 11.25
N ASN A 318 -34.41 -0.49 10.37
CA ASN A 318 -33.22 0.29 10.75
C ASN A 318 -33.50 1.35 11.81
N ALA A 319 -34.66 2.00 11.72
CA ALA A 319 -35.08 2.93 12.79
C ALA A 319 -35.16 2.19 14.12
N ALA A 320 -35.74 0.99 14.11
CA ALA A 320 -35.85 0.22 15.33
C ALA A 320 -34.46 -0.11 15.92
N GLY A 321 -33.51 -0.48 15.06
CA GLY A 321 -32.16 -0.77 15.52
C GLY A 321 -31.51 0.42 16.20
N ALA A 322 -31.74 1.62 15.67
CA ALA A 322 -31.17 2.82 16.29
C ALA A 322 -31.82 3.07 17.63
N ILE A 323 -33.13 2.76 17.72
CA ILE A 323 -33.84 2.90 19.00
C ILE A 323 -33.32 1.89 20.02
N VAL A 324 -33.03 0.66 19.56
CA VAL A 324 -32.36 -0.34 20.39
C VAL A 324 -30.98 0.12 20.91
N ALA A 325 -30.16 0.71 20.04
CA ALA A 325 -28.88 1.27 20.44
C ALA A 325 -29.12 2.34 21.51
N HIS A 326 -30.09 3.22 21.28
CA HIS A 326 -30.37 4.28 22.22
C HIS A 326 -30.75 3.69 23.59
N ALA A 327 -31.58 2.65 23.56
CA ALA A 327 -32.03 1.95 24.79
C ALA A 327 -30.86 1.44 25.61
N GLY A 328 -29.84 0.96 24.89
CA GLY A 328 -28.66 0.35 25.49
C GLY A 328 -27.82 1.33 26.27
N LEU A 329 -28.17 2.62 26.24
CA LEU A 329 -27.43 3.60 27.05
C LEU A 329 -27.72 3.38 28.53
N SER A 330 -28.78 2.61 28.79
CA SER A 330 -29.16 2.18 30.13
C SER A 330 -28.79 0.71 30.42
N ALA A 333 -33.53 -2.58 28.94
CA ALA A 333 -32.42 -3.53 28.92
C ALA A 333 -32.58 -4.64 27.86
N GLU A 334 -33.50 -5.58 28.04
CA GLU A 334 -33.49 -6.84 27.30
C GLU A 334 -33.64 -6.70 25.79
N TRP A 335 -32.88 -7.51 25.04
CA TRP A 335 -32.80 -7.47 23.58
C TRP A 335 -34.14 -7.57 22.84
N LEU A 336 -34.99 -8.53 23.23
CA LEU A 336 -36.24 -8.75 22.51
C LEU A 336 -37.31 -7.69 22.79
N PRO A 337 -37.55 -7.35 24.08
CA PRO A 337 -38.46 -6.24 24.38
C PRO A 337 -37.96 -4.95 23.75
N ALA A 338 -36.64 -4.77 23.69
CA ALA A 338 -36.05 -3.60 23.08
C ALA A 338 -36.39 -3.50 21.59
N TRP A 339 -36.21 -4.59 20.86
CA TRP A 339 -36.58 -4.66 19.44
C TRP A 339 -38.08 -4.47 19.25
N GLU A 340 -38.87 -5.16 20.08
CA GLU A 340 -40.34 -5.01 19.99
C GLU A 340 -40.74 -3.54 20.17
N GLU A 341 -40.16 -2.90 21.19
CA GLU A 341 -40.44 -1.50 21.47
C GLU A 341 -39.94 -0.58 20.33
N GLY A 342 -38.73 -0.86 19.83
CA GLY A 342 -38.17 -0.06 18.72
C GLY A 342 -39.05 -0.13 17.47
N LEU A 343 -39.51 -1.34 17.14
CA LEU A 343 -40.35 -1.52 15.98
C LEU A 343 -41.72 -0.87 16.17
N ARG A 344 -42.28 -0.99 17.37
CA ARG A 344 -43.54 -0.31 17.68
C ARG A 344 -43.42 1.20 17.53
N ARG A 345 -42.38 1.77 18.14
CA ARG A 345 -42.12 3.21 18.09
C ARG A 345 -41.84 3.72 16.69
N ALA A 346 -41.06 2.97 15.91
CA ALA A 346 -40.74 3.41 14.53
C ALA A 346 -41.98 3.40 13.64
N SER A 347 -42.74 2.31 13.71
CA SER A 347 -43.97 2.17 12.95
C SER A 347 -44.96 3.25 13.31
N ALA A 348 -45.15 3.50 14.61
CA ALA A 348 -46.07 4.57 15.03
C ALA A 348 -45.60 5.96 14.58
N ALA A 349 -44.29 6.20 14.55
CA ALA A 349 -43.77 7.50 14.14
C ALA A 349 -44.14 7.79 12.70
N ILE A 350 -44.18 6.76 11.87
CA ILE A 350 -44.63 6.95 10.49
C ILE A 350 -46.17 7.07 10.43
N ASP A 351 -46.85 6.15 11.09
CA ASP A 351 -48.32 6.01 10.95
C ASP A 351 -49.10 7.25 11.45
N THR A 352 -48.55 7.92 12.46
CA THR A 352 -49.21 9.08 13.06
C THR A 352 -48.99 10.32 12.21
N GLY A 353 -48.08 10.18 11.25
CA GLY A 353 -47.62 11.29 10.45
C GLY A 353 -46.52 12.10 11.08
N ALA A 354 -46.04 11.72 12.26
CA ALA A 354 -45.00 12.49 12.95
C ALA A 354 -43.73 12.61 12.13
N ALA A 355 -43.35 11.55 11.42
CA ALA A 355 -42.11 11.56 10.60
C ALA A 355 -42.22 12.51 9.42
N GLU A 356 -43.34 12.40 8.69
CA GLU A 356 -43.65 13.34 7.60
C GLU A 356 -43.62 14.78 8.10
N GLN A 357 -44.26 15.03 9.23
CA GLN A 357 -44.32 16.37 9.78
C GLN A 357 -42.94 16.84 10.22
N LEU A 358 -42.13 15.93 10.78
CA LEU A 358 -40.80 16.35 11.22
C LEU A 358 -39.93 16.80 10.03
N LEU A 359 -40.02 16.07 8.92
CA LEU A 359 -39.29 16.47 7.71
C LEU A 359 -39.75 17.85 7.25
N ALA A 360 -41.07 18.08 7.24
CA ALA A 360 -41.60 19.40 6.88
C ALA A 360 -41.05 20.53 7.77
N ARG A 361 -41.04 20.27 9.08
CA ARG A 361 -40.52 21.21 10.07
C ARG A 361 -39.01 21.46 9.90
N TRP A 362 -38.28 20.40 9.56
CA TRP A 362 -36.85 20.51 9.31
C TRP A 362 -36.55 21.40 8.10
N VAL A 363 -37.30 21.20 7.02
CA VAL A 363 -37.19 22.02 5.80
C VAL A 363 -37.52 23.49 6.15
N ARG A 364 -38.65 23.70 6.81
CA ARG A 364 -39.04 25.04 7.26
C ARG A 364 -37.96 25.71 8.13
N PHE A 365 -37.36 24.95 9.05
CA PHE A 365 -36.32 25.48 9.90
C PHE A 365 -35.16 26.08 9.08
N GLY A 366 -34.76 25.38 8.02
CA GLY A 366 -33.64 25.82 7.21
C GLY A 366 -33.95 27.06 6.38
N ARG A 367 -35.20 27.17 5.93
CA ARG A 367 -35.65 28.34 5.15
C ARG A 367 -35.79 29.62 5.97
N GLN A 368 -35.85 29.48 7.29
CA GLN A 368 -36.02 30.61 8.20
C GLN A 368 -34.70 31.03 8.83
N ILE A 369 -33.59 30.53 8.28
CA ILE A 369 -32.22 30.93 8.69
C ILE A 369 -31.89 30.48 10.11
N PRO B 24 -8.81 -2.62 -17.82
CA PRO B 24 -8.13 -2.50 -16.52
C PRO B 24 -8.28 -1.11 -15.90
N SER B 25 -8.18 -1.05 -14.58
CA SER B 25 -8.22 0.22 -13.87
C SER B 25 -7.47 0.09 -12.55
N TRP B 26 -7.16 1.22 -11.93
CA TRP B 26 -6.52 1.17 -10.62
C TRP B 26 -7.41 0.55 -9.55
N PRO B 27 -8.73 0.89 -9.55
CA PRO B 27 -9.55 0.22 -8.55
C PRO B 27 -9.59 -1.30 -8.70
N GLN B 28 -9.58 -1.80 -9.93
CA GLN B 28 -9.64 -3.24 -10.17
C GLN B 28 -8.37 -3.96 -9.66
N ILE B 29 -7.23 -3.44 -10.09
CA ILE B 29 -5.93 -4.05 -9.77
C ILE B 29 -5.61 -3.89 -8.29
N LEU B 30 -5.78 -2.69 -7.75
CA LEU B 30 -5.49 -2.48 -6.32
C LEU B 30 -6.43 -3.29 -5.44
N GLY B 31 -7.71 -3.36 -5.83
CA GLY B 31 -8.68 -4.21 -5.12
C GLY B 31 -8.29 -5.69 -5.13
N ARG B 32 -7.79 -6.18 -6.26
CA ARG B 32 -7.36 -7.57 -6.33
C ARG B 32 -6.18 -7.81 -5.38
N LEU B 33 -5.22 -6.89 -5.39
CA LEU B 33 -4.08 -7.01 -4.48
C LEU B 33 -4.48 -6.94 -3.00
N THR B 34 -5.34 -5.98 -2.64
CA THR B 34 -5.76 -5.87 -1.24
C THR B 34 -6.59 -7.07 -0.78
N ASP B 35 -7.21 -7.78 -1.75
CA ASP B 35 -7.89 -9.06 -1.47
C ASP B 35 -6.88 -10.22 -1.39
N ASN B 36 -5.59 -9.90 -1.47
CA ASN B 36 -4.51 -10.89 -1.33
C ASN B 36 -4.50 -11.93 -2.45
N ARG B 37 -4.89 -11.49 -3.65
CA ARG B 37 -4.92 -12.37 -4.81
C ARG B 37 -3.85 -12.00 -5.83
N ASP B 38 -3.27 -13.02 -6.46
CA ASP B 38 -2.34 -12.79 -7.56
C ASP B 38 -3.06 -12.09 -8.68
N LEU B 39 -2.34 -11.26 -9.43
CA LEU B 39 -2.93 -10.57 -10.57
C LEU B 39 -3.21 -11.50 -11.75
N ALA B 40 -4.15 -11.11 -12.60
CA ALA B 40 -4.35 -11.80 -13.89
C ALA B 40 -3.20 -11.48 -14.80
N ARG B 41 -2.91 -12.38 -15.73
CA ARG B 41 -1.91 -12.16 -16.73
C ARG B 41 -2.11 -10.79 -17.35
N GLY B 42 -1.05 -9.99 -17.44
CA GLY B 42 -1.13 -8.69 -18.11
C GLY B 42 -1.41 -7.51 -17.20
N GLN B 43 -1.96 -7.76 -16.02
CA GLN B 43 -2.38 -6.64 -15.15
C GLN B 43 -1.21 -5.88 -14.54
N ALA B 44 -0.23 -6.61 -14.05
CA ALA B 44 0.99 -5.99 -13.54
C ALA B 44 1.66 -5.16 -14.66
N ALA B 45 1.71 -5.71 -15.88
CA ALA B 45 2.26 -4.96 -17.01
C ALA B 45 1.47 -3.67 -17.32
N TRP B 46 0.14 -3.76 -17.26
CA TRP B 46 -0.71 -2.57 -17.45
C TRP B 46 -0.37 -1.48 -16.43
N ALA B 47 -0.29 -1.87 -15.17
CA ALA B 47 0.03 -0.96 -14.07
C ALA B 47 1.38 -0.32 -14.28
N MET B 48 2.38 -1.14 -14.59
CA MET B 48 3.71 -0.60 -14.79
C MET B 48 3.78 0.34 -16.00
N ASP B 49 3.06 0.02 -17.07
CA ASP B 49 3.10 0.92 -18.22
C ASP B 49 2.43 2.27 -17.91
N GLN B 50 1.35 2.23 -17.13
CA GLN B 50 0.72 3.47 -16.62
C GLN B 50 1.74 4.34 -15.86
N ILE B 51 2.48 3.69 -14.94
CA ILE B 51 3.51 4.35 -14.15
C ILE B 51 4.63 4.93 -15.05
N MET B 52 5.06 4.16 -16.04
CA MET B 52 6.17 4.56 -16.93
C MET B 52 5.80 5.68 -17.93
N THR B 53 4.52 5.86 -18.21
CA THR B 53 4.11 6.85 -19.22
C THR B 53 3.69 8.17 -18.55
N GLY B 54 3.86 8.24 -17.24
CA GLY B 54 3.46 9.42 -16.47
C GLY B 54 1.95 9.56 -16.36
N ASN B 55 1.21 8.46 -16.54
CA ASN B 55 -0.25 8.46 -16.42
C ASN B 55 -0.76 8.05 -15.03
N ALA B 56 0.13 7.72 -14.12
CA ALA B 56 -0.25 7.32 -12.78
C ALA B 56 0.02 8.46 -11.79
N ARG B 57 -0.95 8.74 -10.93
CA ARG B 57 -0.74 9.72 -9.86
C ARG B 57 0.18 9.13 -8.80
N PRO B 58 0.99 9.99 -8.15
CA PRO B 58 1.90 9.55 -7.07
C PRO B 58 1.16 8.62 -6.08
N ALA B 59 -0.09 8.95 -5.73
CA ALA B 59 -0.87 8.06 -4.83
C ALA B 59 -1.12 6.66 -5.41
N GLN B 60 -1.37 6.59 -6.71
CA GLN B 60 -1.59 5.30 -7.38
C GLN B 60 -0.31 4.47 -7.46
N ILE B 61 0.81 5.15 -7.74
CA ILE B 61 2.11 4.49 -7.79
C ILE B 61 2.42 3.87 -6.41
N ALA B 62 2.24 4.67 -5.37
CA ALA B 62 2.52 4.22 -4.01
C ALA B 62 1.59 3.08 -3.58
N ALA B 63 0.29 3.20 -3.87
CA ALA B 63 -0.63 2.12 -3.51
C ALA B 63 -0.22 0.82 -4.16
N PHE B 64 0.16 0.91 -5.44
CA PHE B 64 0.53 -0.27 -6.21
C PHE B 64 1.80 -0.89 -5.62
N ALA B 65 2.80 -0.07 -5.40
CA ALA B 65 4.08 -0.58 -4.88
C ALA B 65 3.89 -1.29 -3.54
N VAL B 66 3.11 -0.69 -2.64
CA VAL B 66 2.92 -1.25 -1.35
C VAL B 66 2.04 -2.50 -1.42
N ALA B 67 0.93 -2.42 -2.18
CA ALA B 67 0.02 -3.57 -2.26
C ALA B 67 0.67 -4.77 -2.92
N MET B 68 1.48 -4.53 -3.94
CA MET B 68 2.20 -5.64 -4.60
C MET B 68 3.16 -6.28 -3.58
N THR B 69 3.82 -5.46 -2.78
CA THR B 69 4.81 -5.96 -1.79
C THR B 69 4.15 -6.83 -0.69
N MET B 70 3.04 -6.33 -0.17
CA MET B 70 2.35 -7.02 0.92
C MET B 70 1.57 -8.25 0.48
N LYS B 71 1.11 -8.27 -0.76
CA LYS B 71 0.46 -9.47 -1.31
C LYS B 71 1.47 -10.64 -1.41
N ALA B 72 2.73 -10.30 -1.70
CA ALA B 72 3.86 -11.20 -2.04
C ALA B 72 3.89 -11.40 -3.56
N PRO B 73 4.80 -10.67 -4.23
CA PRO B 73 4.80 -10.77 -5.69
C PRO B 73 5.25 -12.12 -6.21
N THR B 74 4.68 -12.51 -7.34
CA THR B 74 5.12 -13.75 -8.01
C THR B 74 6.19 -13.42 -9.03
N ALA B 75 6.95 -14.45 -9.46
CA ALA B 75 7.91 -14.28 -10.56
C ALA B 75 7.23 -13.81 -11.85
N ASP B 76 6.02 -14.31 -12.14
CA ASP B 76 5.29 -13.84 -13.31
C ASP B 76 5.05 -12.33 -13.23
N GLU B 77 4.59 -11.87 -12.07
CA GLU B 77 4.28 -10.44 -11.86
C GLU B 77 5.53 -9.60 -11.93
N VAL B 78 6.57 -10.01 -11.21
CA VAL B 78 7.83 -9.25 -11.26
C VAL B 78 8.39 -9.19 -12.69
N GLY B 79 8.27 -10.31 -13.41
CA GLY B 79 8.73 -10.38 -14.79
C GLY B 79 7.95 -9.40 -15.67
N GLU B 80 6.65 -9.24 -15.40
CA GLU B 80 5.85 -8.28 -16.17
C GLU B 80 6.34 -6.87 -15.91
N LEU B 81 6.65 -6.56 -14.65
CA LEU B 81 7.11 -5.22 -14.28
C LEU B 81 8.43 -4.89 -14.95
N ALA B 82 9.38 -5.83 -14.86
CA ALA B 82 10.68 -5.64 -15.48
C ALA B 82 10.56 -5.54 -17.01
N GLY B 83 9.65 -6.32 -17.60
CA GLY B 83 9.43 -6.30 -19.06
C GLY B 83 9.03 -4.93 -19.55
N VAL B 84 8.10 -4.30 -18.83
CA VAL B 84 7.63 -2.97 -19.21
C VAL B 84 8.77 -1.97 -19.08
N MET B 85 9.55 -2.02 -18.00
CA MET B 85 10.71 -1.14 -17.91
C MET B 85 11.60 -1.28 -19.12
N LEU B 86 11.91 -2.51 -19.46
CA LEU B 86 12.80 -2.80 -20.58
C LEU B 86 12.21 -2.26 -21.88
N SER B 87 10.89 -2.37 -22.05
CA SER B 87 10.23 -1.83 -23.24
C SER B 87 10.49 -0.33 -23.40
N HIS B 88 10.53 0.37 -22.26
CA HIS B 88 10.63 1.83 -22.27
C HIS B 88 12.06 2.33 -22.17
N ALA B 89 12.99 1.40 -21.96
CA ALA B 89 14.40 1.76 -21.77
C ALA B 89 15.05 2.06 -23.11
N HIS B 90 16.11 2.86 -23.05
CA HIS B 90 16.97 3.01 -24.22
C HIS B 90 17.74 1.71 -24.41
N PRO B 91 17.64 1.11 -25.61
CA PRO B 91 18.41 -0.11 -25.88
C PRO B 91 19.85 0.24 -26.30
N LEU B 92 20.72 -0.76 -26.26
CA LEU B 92 22.04 -0.61 -26.87
C LEU B 92 21.92 -0.84 -28.37
N PRO B 93 22.83 -0.25 -29.18
CA PRO B 93 22.74 -0.44 -30.63
C PRO B 93 22.84 -1.93 -31.02
N ALA B 94 22.24 -2.29 -32.15
CA ALA B 94 22.20 -3.69 -32.59
C ALA B 94 23.59 -4.31 -32.71
N ASP B 95 23.70 -5.57 -32.27
CA ASP B 95 24.95 -6.36 -32.34
C ASP B 95 26.15 -5.72 -31.64
N THR B 96 25.91 -4.92 -30.60
CA THR B 96 27.01 -4.36 -29.81
C THR B 96 27.24 -5.05 -28.45
N VAL B 97 26.34 -5.91 -28.03
CA VAL B 97 26.53 -6.63 -26.77
C VAL B 97 26.81 -8.10 -27.09
N PRO B 98 28.00 -8.62 -26.67
CA PRO B 98 28.32 -10.04 -26.87
C PRO B 98 27.28 -10.96 -26.23
N ASP B 99 27.01 -12.11 -26.88
CA ASP B 99 26.05 -13.11 -26.36
C ASP B 99 26.38 -13.55 -24.94
N ASP B 100 27.65 -13.42 -24.57
CA ASP B 100 28.12 -13.92 -23.28
C ASP B 100 28.46 -12.80 -22.26
N ALA B 101 27.90 -11.60 -22.46
CA ALA B 101 28.15 -10.52 -21.51
C ALA B 101 27.53 -10.83 -20.14
N VAL B 102 28.14 -10.32 -19.08
CA VAL B 102 27.71 -10.63 -17.72
C VAL B 102 27.45 -9.35 -16.94
N ASP B 103 26.53 -9.42 -16.00
CA ASP B 103 26.26 -8.30 -15.08
C ASP B 103 26.67 -8.74 -13.68
N VAL B 104 27.05 -7.78 -12.83
CA VAL B 104 27.31 -8.06 -11.43
C VAL B 104 26.63 -6.92 -10.71
N VAL B 105 25.49 -7.20 -10.11
CA VAL B 105 24.63 -6.16 -9.54
C VAL B 105 23.71 -6.73 -8.48
N GLY B 106 23.38 -5.91 -7.47
CA GLY B 106 22.47 -6.38 -6.43
C GLY B 106 21.33 -5.40 -6.24
N THR B 107 20.36 -5.82 -5.41
CA THR B 107 19.22 -4.97 -5.06
C THR B 107 19.67 -3.81 -4.17
N GLY B 108 20.79 -3.99 -3.48
CA GLY B 108 21.15 -3.06 -2.41
C GLY B 108 20.17 -3.20 -1.26
N GLY B 109 20.26 -2.30 -0.29
CA GLY B 109 19.36 -2.31 0.87
C GLY B 109 19.60 -3.38 1.90
N ASP B 110 20.83 -3.90 1.98
CA ASP B 110 21.12 -4.90 3.00
C ASP B 110 21.39 -4.27 4.38
N GLY B 111 21.46 -2.94 4.39
CA GLY B 111 21.63 -2.15 5.60
C GLY B 111 22.99 -2.23 6.25
N VAL B 112 23.99 -2.73 5.51
CA VAL B 112 25.32 -3.00 6.09
C VAL B 112 26.42 -1.95 5.82
N ASN B 113 26.30 -1.14 4.78
CA ASN B 113 27.33 -0.15 4.43
C ASN B 113 28.73 -0.78 4.26
N THR B 114 28.88 -1.55 3.19
CA THR B 114 30.15 -2.18 2.87
C THR B 114 30.83 -1.38 1.76
N VAL B 115 32.07 -1.75 1.48
CA VAL B 115 32.73 -1.30 0.25
C VAL B 115 31.89 -1.83 -0.93
N ASN B 116 32.18 -1.32 -2.11
CA ASN B 116 31.38 -1.64 -3.30
C ASN B 116 31.89 -2.94 -3.97
N LEU B 117 31.42 -4.05 -3.43
CA LEU B 117 31.94 -5.36 -3.81
C LEU B 117 31.56 -5.75 -5.22
N SER B 118 30.34 -5.42 -5.65
CA SER B 118 29.94 -5.78 -7.00
C SER B 118 30.74 -5.01 -8.05
N THR B 119 30.94 -3.71 -7.79
CA THR B 119 31.67 -2.84 -8.70
C THR B 119 33.14 -3.26 -8.80
N MET B 120 33.75 -3.61 -7.68
CA MET B 120 35.12 -4.13 -7.70
C MET B 120 35.19 -5.46 -8.44
N ALA B 121 34.28 -6.36 -8.10
CA ALA B 121 34.25 -7.67 -8.76
C ALA B 121 34.09 -7.51 -10.28
N ALA B 122 33.22 -6.59 -10.72
CA ALA B 122 33.01 -6.33 -12.16
C ALA B 122 34.28 -5.90 -12.89
N ILE B 123 35.08 -5.06 -12.26
CA ILE B 123 36.34 -4.60 -12.86
C ILE B 123 37.27 -5.80 -13.05
N VAL B 124 37.35 -6.64 -12.01
CA VAL B 124 38.20 -7.83 -12.03
C VAL B 124 37.72 -8.83 -13.10
N VAL B 125 36.41 -9.07 -13.15
CA VAL B 125 35.85 -9.97 -14.17
C VAL B 125 36.16 -9.48 -15.58
N ALA B 126 36.00 -8.18 -15.83
CA ALA B 126 36.31 -7.65 -17.15
C ALA B 126 37.78 -7.84 -17.45
N ALA B 127 38.62 -7.64 -16.43
CA ALA B 127 40.07 -7.75 -16.63
C ALA B 127 40.48 -9.18 -16.94
N ALA B 128 39.68 -10.12 -16.48
CA ALA B 128 39.87 -11.53 -16.79
C ALA B 128 39.46 -11.90 -18.23
N GLY B 129 38.78 -11.00 -18.93
CA GLY B 129 38.37 -11.23 -20.31
C GLY B 129 36.91 -11.56 -20.55
N VAL B 130 36.11 -11.45 -19.49
CA VAL B 130 34.67 -11.69 -19.62
C VAL B 130 34.04 -10.32 -19.87
N PRO B 131 33.25 -10.17 -20.95
CA PRO B 131 32.64 -8.85 -21.18
C PRO B 131 31.61 -8.54 -20.10
N VAL B 132 31.66 -7.33 -19.57
CA VAL B 132 30.77 -6.94 -18.46
C VAL B 132 29.98 -5.71 -18.87
N VAL B 133 28.66 -5.78 -18.74
CA VAL B 133 27.85 -4.57 -18.87
C VAL B 133 27.12 -4.47 -17.56
N LYS B 134 27.58 -3.53 -16.76
CA LYS B 134 27.08 -3.42 -15.42
C LYS B 134 25.99 -2.38 -15.39
N HIS B 135 24.86 -2.76 -14.78
CA HIS B 135 23.80 -1.82 -14.47
C HIS B 135 24.13 -1.24 -13.10
N GLY B 136 24.03 0.06 -12.97
CA GLY B 136 24.42 0.69 -11.73
C GLY B 136 23.65 1.94 -11.37
N ASN B 137 23.82 2.37 -10.12
CA ASN B 137 23.13 3.56 -9.65
C ASN B 137 23.86 4.11 -8.45
N ARG B 138 23.48 5.32 -8.07
CA ARG B 138 24.02 5.97 -6.87
C ARG B 138 23.43 5.38 -5.58
N ALA B 139 24.00 5.77 -4.44
CA ALA B 139 23.51 5.35 -3.12
C ALA B 139 22.01 5.58 -2.97
N ALA B 140 21.32 4.59 -2.41
CA ALA B 140 19.93 4.76 -1.96
C ALA B 140 19.86 4.80 -0.43
N SER B 141 20.38 3.78 0.24
CA SER B 141 20.38 3.80 1.71
C SER B 141 21.81 3.83 2.28
N SER B 142 22.79 3.53 1.44
CA SER B 142 24.17 3.42 1.86
C SER B 142 24.90 4.77 1.76
N LEU B 143 26.15 4.80 2.20
CA LEU B 143 26.96 6.00 2.08
C LEU B 143 27.45 6.25 0.65
N SER B 144 27.78 5.19 -0.09
CA SER B 144 28.28 5.37 -1.45
C SER B 144 27.84 4.20 -2.32
N GLY B 145 27.16 4.49 -3.42
CA GLY B 145 26.71 3.45 -4.34
C GLY B 145 27.82 3.19 -5.33
N GLY B 146 27.66 2.14 -6.15
CA GLY B 146 28.67 1.81 -7.15
C GLY B 146 28.95 2.96 -8.09
N ALA B 147 27.88 3.62 -8.55
CA ALA B 147 28.01 4.80 -9.42
C ALA B 147 28.79 5.93 -8.77
N ASP B 148 28.54 6.19 -7.48
CA ASP B 148 29.26 7.23 -6.77
C ASP B 148 30.76 6.93 -6.72
N THR B 149 31.09 5.67 -6.43
CA THR B 149 32.47 5.24 -6.29
C THR B 149 33.20 5.32 -7.65
N LEU B 150 32.56 4.83 -8.71
CA LEU B 150 33.13 4.95 -10.06
C LEU B 150 33.36 6.40 -10.46
N GLU B 151 32.42 7.28 -10.12
CA GLU B 151 32.61 8.70 -10.41
C GLU B 151 33.82 9.27 -9.63
N ALA B 152 33.96 8.89 -8.37
CA ALA B 152 35.11 9.31 -7.58
C ALA B 152 36.44 8.76 -8.11
N LEU B 153 36.39 7.61 -8.78
CA LEU B 153 37.55 7.04 -9.45
C LEU B 153 37.88 7.68 -10.80
N GLY B 154 36.99 8.56 -11.27
CA GLY B 154 37.18 9.27 -12.55
C GLY B 154 36.52 8.64 -13.77
N VAL B 155 35.73 7.60 -13.56
CA VAL B 155 35.02 6.91 -14.63
C VAL B 155 33.77 7.70 -15.02
N ARG B 156 33.53 7.87 -16.32
CA ARG B 156 32.30 8.51 -16.79
C ARG B 156 31.16 7.54 -16.60
N ILE B 157 30.20 7.92 -15.76
CA ILE B 157 29.14 6.96 -15.42
C ILE B 157 27.86 7.12 -16.24
N ASP B 158 27.67 8.28 -16.87
CA ASP B 158 26.40 8.55 -17.55
C ASP B 158 26.43 8.57 -19.09
N LEU B 159 27.26 7.70 -19.67
CA LEU B 159 27.34 7.62 -21.13
C LEU B 159 26.08 7.02 -21.70
N GLY B 160 25.70 7.48 -22.90
CA GLY B 160 24.53 6.93 -23.57
C GLY B 160 24.81 5.64 -24.31
N PRO B 161 23.78 5.06 -24.94
CA PRO B 161 23.84 3.74 -25.56
C PRO B 161 25.05 3.53 -26.50
N ASP B 162 25.26 4.45 -27.44
CA ASP B 162 26.38 4.33 -28.37
C ASP B 162 27.75 4.31 -27.68
N LEU B 163 27.93 5.13 -26.65
CA LEU B 163 29.21 5.17 -25.96
C LEU B 163 29.44 4.02 -24.97
N VAL B 164 28.36 3.54 -24.36
CA VAL B 164 28.45 2.32 -23.53
C VAL B 164 28.89 1.15 -24.40
N ALA B 165 28.30 1.04 -25.59
CA ALA B 165 28.71 0.00 -26.54
C ALA B 165 30.19 0.16 -26.93
N ARG B 166 30.64 1.39 -27.12
CA ARG B 166 32.06 1.65 -27.44
C ARG B 166 32.98 1.28 -26.28
N SER B 167 32.56 1.63 -25.06
CA SER B 167 33.31 1.29 -23.86
C SER B 167 33.46 -0.21 -23.74
N LEU B 168 32.37 -0.94 -23.99
CA LEU B 168 32.40 -2.38 -23.89
C LEU B 168 33.41 -2.97 -24.89
N ALA B 169 33.39 -2.45 -26.11
CA ALA B 169 34.27 -2.99 -27.16
C ALA B 169 35.72 -2.65 -26.88
N GLU B 170 35.95 -1.41 -26.48
CA GLU B 170 37.31 -0.88 -26.35
C GLU B 170 37.98 -1.16 -25.02
N VAL B 171 37.21 -1.19 -23.95
CA VAL B 171 37.79 -1.34 -22.62
C VAL B 171 37.48 -2.73 -22.05
N GLY B 172 36.33 -3.27 -22.41
CA GLY B 172 35.91 -4.63 -21.98
C GLY B 172 34.82 -4.57 -20.92
N ILE B 173 34.41 -3.35 -20.59
CA ILE B 173 33.34 -3.13 -19.60
C ILE B 173 32.56 -1.87 -20.01
N GLY B 174 31.26 -1.90 -19.76
CA GLY B 174 30.40 -0.74 -19.95
C GLY B 174 29.56 -0.59 -18.68
N PHE B 175 29.23 0.65 -18.36
CA PHE B 175 28.39 0.94 -17.21
C PHE B 175 27.14 1.66 -17.68
N CYS B 176 26.00 1.01 -17.50
CA CYS B 176 24.70 1.60 -17.78
C CYS B 176 24.16 2.22 -16.50
N PHE B 177 24.18 3.56 -16.44
CA PHE B 177 23.63 4.31 -15.33
C PHE B 177 22.09 4.23 -15.38
N ALA B 178 21.47 3.63 -14.36
CA ALA B 178 20.03 3.35 -14.42
C ALA B 178 19.17 4.60 -14.79
N PRO B 179 19.40 5.76 -14.13
CA PRO B 179 18.64 6.95 -14.53
C PRO B 179 18.84 7.43 -15.99
N ARG B 180 20.01 7.17 -16.56
CA ARG B 180 20.29 7.54 -17.97
C ARG B 180 19.52 6.66 -18.97
N PHE B 181 19.39 5.36 -18.65
CA PHE B 181 18.73 4.42 -19.54
C PHE B 181 17.25 4.23 -19.29
N HIS B 182 16.80 4.61 -18.09
CA HIS B 182 15.39 4.45 -17.72
C HIS B 182 14.74 5.78 -17.33
N PRO B 183 14.80 6.78 -18.22
CA PRO B 183 14.27 8.11 -17.84
C PRO B 183 12.80 8.12 -17.45
N SER B 184 12.01 7.22 -18.05
CA SER B 184 10.57 7.16 -17.79
C SER B 184 10.24 6.61 -16.41
N TYR B 185 11.26 6.07 -15.72
CA TYR B 185 11.08 5.55 -14.37
C TYR B 185 11.08 6.66 -13.31
N ARG B 186 11.34 7.91 -13.74
CA ARG B 186 11.48 9.01 -12.78
C ARG B 186 10.31 9.17 -11.80
N HIS B 187 9.09 8.92 -12.26
CA HIS B 187 7.91 9.07 -11.40
C HIS B 187 7.89 8.02 -10.33
N ALA B 188 8.21 6.78 -10.71
CA ALA B 188 8.32 5.70 -9.73
C ALA B 188 9.45 6.00 -8.74
N ALA B 189 10.58 6.49 -9.24
CA ALA B 189 11.77 6.72 -8.40
C ALA B 189 11.45 7.78 -7.33
N ALA B 190 10.70 8.81 -7.72
CA ALA B 190 10.30 9.88 -6.79
C ALA B 190 9.44 9.32 -5.66
N VAL B 191 8.46 8.46 -6.00
CA VAL B 191 7.59 7.85 -5.00
C VAL B 191 8.38 6.94 -4.05
N ARG B 192 9.30 6.15 -4.60
CA ARG B 192 10.15 5.27 -3.78
C ARG B 192 10.92 6.05 -2.72
N ARG B 193 11.47 7.19 -3.11
CA ARG B 193 12.19 8.04 -2.16
C ARG B 193 11.25 8.59 -1.10
N GLU B 194 10.05 9.00 -1.51
CA GLU B 194 9.07 9.57 -0.58
C GLU B 194 8.57 8.60 0.45
N ILE B 195 8.35 7.35 0.06
CA ILE B 195 7.84 6.41 1.04
C ILE B 195 8.94 5.75 1.85
N GLY B 196 10.14 5.67 1.27
CA GLY B 196 11.38 5.32 1.97
C GLY B 196 11.48 3.95 2.59
N VAL B 197 10.54 3.07 2.21
CA VAL B 197 10.44 1.69 2.67
C VAL B 197 10.73 0.80 1.45
N PRO B 198 11.42 -0.34 1.64
CA PRO B 198 11.57 -1.22 0.47
C PRO B 198 10.23 -1.78 -0.05
N THR B 199 10.14 -1.93 -1.37
CA THR B 199 8.96 -2.54 -2.01
C THR B 199 9.44 -3.46 -3.12
N VAL B 200 8.50 -4.07 -3.84
CA VAL B 200 8.80 -4.84 -5.03
C VAL B 200 9.70 -4.09 -6.03
N PHE B 201 9.62 -2.76 -6.05
CA PHE B 201 10.44 -1.97 -6.97
C PHE B 201 11.94 -2.10 -6.70
N ASN B 202 12.29 -2.43 -5.46
CA ASN B 202 13.70 -2.66 -5.07
C ASN B 202 14.27 -3.89 -5.78
N LEU B 203 13.40 -4.75 -6.30
CA LEU B 203 13.89 -5.94 -7.05
C LEU B 203 14.24 -5.65 -8.49
N LEU B 204 13.82 -4.51 -9.00
CA LEU B 204 13.81 -4.31 -10.46
C LEU B 204 15.18 -3.96 -11.09
N GLY B 205 16.05 -3.31 -10.32
CA GLY B 205 17.40 -2.93 -10.82
C GLY B 205 18.14 -4.05 -11.51
N PRO B 206 18.35 -5.18 -10.80
CA PRO B 206 19.12 -6.24 -11.41
C PRO B 206 18.38 -6.91 -12.56
N LEU B 207 17.07 -6.71 -12.62
CA LEU B 207 16.25 -7.34 -13.63
C LEU B 207 16.03 -6.49 -14.87
N THR B 208 16.59 -5.29 -14.87
CA THR B 208 16.30 -4.34 -15.96
C THR B 208 17.54 -3.72 -16.59
N ASN B 209 18.66 -4.47 -16.61
CA ASN B 209 19.84 -4.02 -17.33
C ASN B 209 19.46 -3.83 -18.81
N PRO B 210 19.59 -2.59 -19.34
CA PRO B 210 19.14 -2.28 -20.71
C PRO B 210 19.92 -3.04 -21.81
N ALA B 211 21.12 -3.52 -21.49
CA ALA B 211 21.93 -4.29 -22.44
C ALA B 211 21.48 -5.75 -22.49
N ARG B 212 20.62 -6.14 -21.54
CA ARG B 212 20.04 -7.50 -21.47
C ARG B 212 21.09 -8.63 -21.51
N PRO B 213 22.14 -8.52 -20.68
CA PRO B 213 23.13 -9.59 -20.64
C PRO B 213 22.46 -10.91 -20.18
N ARG B 214 22.94 -12.04 -20.70
CA ARG B 214 22.32 -13.33 -20.44
C ARG B 214 22.89 -14.04 -19.23
N ALA B 215 23.94 -13.47 -18.64
CA ALA B 215 24.55 -14.05 -17.44
C ALA B 215 24.68 -13.01 -16.35
N GLY B 216 24.70 -13.45 -15.10
CA GLY B 216 24.85 -12.48 -14.01
C GLY B 216 25.11 -13.10 -12.67
N LEU B 217 25.83 -12.36 -11.84
CA LEU B 217 25.91 -12.60 -10.40
C LEU B 217 25.06 -11.51 -9.75
N ILE B 218 23.94 -11.94 -9.20
CA ILE B 218 22.88 -11.02 -8.77
C ILE B 218 22.63 -11.12 -7.28
N GLY B 219 22.93 -10.06 -6.55
CA GLY B 219 22.74 -10.08 -5.11
C GLY B 219 21.32 -9.71 -4.72
N CYS B 220 20.78 -10.38 -3.70
CA CYS B 220 19.44 -10.02 -3.25
C CYS B 220 19.49 -9.87 -1.73
N ALA B 221 19.13 -8.69 -1.25
CA ALA B 221 19.13 -8.39 0.18
C ALA B 221 17.95 -9.03 0.90
N PHE B 222 16.93 -9.38 0.15
CA PHE B 222 15.65 -9.80 0.71
C PHE B 222 15.54 -11.32 0.51
N ALA B 223 15.85 -12.08 1.57
CA ALA B 223 15.99 -13.53 1.44
C ALA B 223 14.72 -14.21 0.91
N ASP B 224 13.56 -13.68 1.30
CA ASP B 224 12.30 -14.28 0.89
C ASP B 224 11.86 -13.91 -0.53
N LEU B 225 12.64 -13.07 -1.20
CA LEU B 225 12.32 -12.64 -2.58
C LEU B 225 13.36 -13.11 -3.58
N ALA B 226 14.48 -13.62 -3.07
CA ALA B 226 15.52 -14.14 -3.97
C ALA B 226 15.00 -15.23 -4.95
N GLU B 227 14.17 -16.16 -4.46
CA GLU B 227 13.60 -17.20 -5.32
C GLU B 227 12.73 -16.59 -6.43
N VAL B 228 12.04 -15.49 -6.11
CA VAL B 228 11.25 -14.74 -7.09
C VAL B 228 12.15 -14.13 -8.18
N MET B 229 13.21 -13.41 -7.79
CA MET B 229 14.18 -12.90 -8.75
C MET B 229 14.73 -14.01 -9.62
N ALA B 230 15.11 -15.14 -8.98
CA ALA B 230 15.64 -16.27 -9.75
C ALA B 230 14.62 -16.80 -10.79
N GLY B 231 13.35 -16.82 -10.41
CA GLY B 231 12.30 -17.25 -11.34
C GLY B 231 12.19 -16.35 -12.55
N VAL B 232 12.45 -15.07 -12.36
CA VAL B 232 12.39 -14.11 -13.47
C VAL B 232 13.52 -14.41 -14.44
N PHE B 233 14.71 -14.63 -13.91
CA PHE B 233 15.86 -14.96 -14.74
C PHE B 233 15.67 -16.32 -15.43
N ALA B 234 15.07 -17.27 -14.72
CA ALA B 234 14.75 -18.57 -15.30
C ALA B 234 13.85 -18.43 -16.53
N ALA B 235 12.84 -17.56 -16.42
CA ALA B 235 11.93 -17.35 -17.56
C ALA B 235 12.66 -16.85 -18.82
N ARG B 236 13.72 -16.07 -18.65
CA ARG B 236 14.54 -15.56 -19.76
C ARG B 236 15.63 -16.53 -20.18
N ARG B 237 15.72 -17.64 -19.48
CA ARG B 237 16.79 -18.63 -19.67
C ARG B 237 18.17 -18.00 -19.55
N SER B 238 18.35 -17.18 -18.52
CA SER B 238 19.65 -16.60 -18.23
C SER B 238 20.47 -17.61 -17.46
N SER B 239 21.80 -17.46 -17.49
CA SER B 239 22.66 -18.19 -16.55
C SER B 239 23.03 -17.26 -15.42
N VAL B 240 22.37 -17.43 -14.29
CA VAL B 240 22.48 -16.50 -13.18
C VAL B 240 22.71 -17.24 -11.87
N LEU B 241 23.52 -16.63 -10.99
CA LEU B 241 23.57 -17.01 -9.57
C LEU B 241 22.91 -15.89 -8.79
N VAL B 242 21.75 -16.16 -8.22
CA VAL B 242 21.14 -15.19 -7.30
C VAL B 242 21.65 -15.52 -5.91
N VAL B 243 22.27 -14.53 -5.26
CA VAL B 243 22.99 -14.78 -4.00
C VAL B 243 22.52 -13.93 -2.83
N HIS B 244 22.42 -14.56 -1.67
CA HIS B 244 22.12 -13.87 -0.42
C HIS B 244 23.06 -14.44 0.64
N GLY B 245 23.94 -13.59 1.15
CA GLY B 245 24.85 -13.99 2.24
C GLY B 245 24.00 -14.26 3.47
N ASP B 246 24.32 -15.35 4.17
CA ASP B 246 23.52 -15.77 5.33
C ASP B 246 23.71 -14.84 6.54
N ASP B 247 24.59 -13.84 6.35
CA ASP B 247 24.78 -12.72 7.25
C ASP B 247 23.97 -11.49 6.78
N GLY B 248 23.22 -11.66 5.69
CA GLY B 248 22.37 -10.57 5.17
C GLY B 248 22.88 -9.80 3.96
N LEU B 249 24.14 -10.01 3.58
CA LEU B 249 24.71 -9.24 2.46
C LEU B 249 24.06 -9.59 1.14
N ASP B 250 23.91 -8.60 0.25
CA ASP B 250 23.42 -8.86 -1.11
C ASP B 250 24.62 -9.14 -2.04
N GLU B 251 25.53 -9.99 -1.55
CA GLU B 251 26.74 -10.41 -2.24
C GLU B 251 27.11 -11.81 -1.70
N LEU B 252 27.98 -12.53 -2.39
CA LEU B 252 28.62 -13.70 -1.78
C LEU B 252 29.46 -13.22 -0.62
N THR B 253 29.17 -13.74 0.57
CA THR B 253 29.89 -13.28 1.75
C THR B 253 31.09 -14.18 2.09
N THR B 254 32.00 -13.61 2.86
CA THR B 254 33.15 -14.35 3.41
C THR B 254 33.01 -14.52 4.92
N THR B 255 31.91 -14.01 5.50
CA THR B 255 31.73 -14.12 6.99
C THR B 255 31.02 -15.38 7.44
N THR B 256 30.37 -16.06 6.48
CA THR B 256 29.57 -17.25 6.74
C THR B 256 29.20 -17.86 5.38
N THR B 257 28.22 -18.76 5.38
CA THR B 257 27.71 -19.39 4.17
C THR B 257 26.85 -18.37 3.41
N SER B 258 26.57 -18.68 2.15
CA SER B 258 25.61 -17.92 1.36
C SER B 258 24.59 -18.89 0.80
N THR B 259 23.39 -18.39 0.54
CA THR B 259 22.42 -19.17 -0.21
C THR B 259 22.53 -18.72 -1.65
N ILE B 260 22.57 -19.69 -2.55
CA ILE B 260 22.60 -19.43 -3.98
C ILE B 260 21.39 -20.07 -4.64
N TRP B 261 20.64 -19.24 -5.36
CA TRP B 261 19.65 -19.74 -6.29
C TRP B 261 20.30 -19.80 -7.66
N ARG B 262 20.64 -21.00 -8.08
CA ARG B 262 21.37 -21.22 -9.32
C ARG B 262 20.37 -21.35 -10.43
N VAL B 263 20.48 -20.49 -11.43
CA VAL B 263 19.57 -20.51 -12.57
C VAL B 263 20.32 -21.01 -13.79
N ALA B 264 19.84 -22.13 -14.31
CA ALA B 264 20.45 -22.86 -15.41
C ALA B 264 19.38 -23.66 -16.15
N ALA B 265 19.44 -23.63 -17.49
CA ALA B 265 18.51 -24.39 -18.34
C ALA B 265 17.04 -24.11 -18.01
N GLY B 266 16.72 -22.86 -17.71
CA GLY B 266 15.35 -22.46 -17.36
C GLY B 266 14.81 -22.97 -16.03
N SER B 267 15.68 -23.50 -15.17
CA SER B 267 15.25 -23.99 -13.87
C SER B 267 16.12 -23.44 -12.74
N VAL B 268 15.60 -23.54 -11.52
CA VAL B 268 16.25 -22.97 -10.34
C VAL B 268 16.54 -24.05 -9.29
N ASP B 269 17.77 -24.08 -8.75
CA ASP B 269 18.10 -24.91 -7.57
C ASP B 269 18.65 -24.03 -6.48
N LYS B 270 18.19 -24.27 -5.26
CA LYS B 270 18.66 -23.57 -4.07
C LYS B 270 19.80 -24.36 -3.44
N LEU B 271 20.95 -23.71 -3.28
CA LEU B 271 22.06 -24.40 -2.67
C LEU B 271 22.68 -23.55 -1.57
N THR B 272 23.39 -24.21 -0.66
CA THR B 272 24.12 -23.51 0.38
C THR B 272 25.58 -23.57 -0.03
N PHE B 273 26.25 -22.42 0.02
CA PHE B 273 27.61 -22.28 -0.47
C PHE B 273 28.51 -21.88 0.68
N ASP B 274 29.63 -22.59 0.85
CA ASP B 274 30.59 -22.22 1.88
C ASP B 274 31.96 -22.01 1.27
N PRO B 275 32.45 -20.76 1.31
CA PRO B 275 33.74 -20.51 0.67
C PRO B 275 34.93 -21.12 1.41
N ALA B 276 34.72 -21.57 2.64
CA ALA B 276 35.79 -22.26 3.39
C ALA B 276 36.30 -23.44 2.57
N GLY B 277 35.40 -24.04 1.79
CA GLY B 277 35.73 -25.16 0.89
C GLY B 277 36.78 -24.81 -0.16
N PHE B 278 36.96 -23.52 -0.42
CA PHE B 278 37.99 -23.02 -1.33
C PHE B 278 39.16 -22.34 -0.61
N GLY B 279 39.20 -22.52 0.70
CA GLY B 279 40.33 -22.05 1.50
C GLY B 279 40.12 -20.66 2.09
N PHE B 280 38.94 -20.10 1.92
CA PHE B 280 38.68 -18.75 2.44
C PHE B 280 38.50 -18.74 3.94
N ALA B 281 39.33 -17.95 4.61
CA ALA B 281 39.20 -17.71 6.04
C ALA B 281 37.92 -16.93 6.34
N ARG B 282 37.31 -17.17 7.50
CA ARG B 282 36.13 -16.41 7.92
C ARG B 282 36.51 -14.97 8.24
N ALA B 283 35.84 -14.04 7.59
CA ALA B 283 36.01 -12.63 7.93
C ALA B 283 34.90 -12.20 8.88
N GLN B 284 35.08 -11.01 9.46
CA GLN B 284 34.03 -10.33 10.22
C GLN B 284 33.43 -9.26 9.33
N LEU B 285 32.12 -9.06 9.48
CA LEU B 285 31.39 -8.08 8.69
C LEU B 285 32.01 -6.68 8.77
N ASP B 286 32.47 -6.29 9.96
CA ASP B 286 33.15 -5.00 10.15
C ASP B 286 34.42 -4.80 9.30
N GLN B 287 35.04 -5.89 8.86
CA GLN B 287 36.24 -5.79 8.04
C GLN B 287 35.91 -5.42 6.59
N LEU B 288 34.62 -5.50 6.25
CA LEU B 288 34.18 -5.14 4.90
C LEU B 288 33.54 -3.74 4.86
N ALA B 289 33.57 -3.01 5.98
CA ALA B 289 32.88 -1.71 6.10
C ALA B 289 33.42 -0.67 5.15
N GLY B 290 32.52 0.07 4.53
CA GLY B 290 32.90 1.16 3.66
C GLY B 290 32.66 2.52 4.28
N GLY B 291 32.75 3.56 3.46
CA GLY B 291 32.51 4.93 3.90
C GLY B 291 31.92 5.71 2.77
N ASP B 292 32.32 6.97 2.64
CA ASP B 292 31.88 7.82 1.53
C ASP B 292 32.60 7.44 0.23
N ALA B 293 32.28 8.16 -0.85
CA ALA B 293 32.76 7.82 -2.18
C ALA B 293 34.28 7.85 -2.26
N GLN B 294 34.91 8.85 -1.63
CA GLN B 294 36.37 8.94 -1.59
C GLN B 294 36.97 7.74 -0.86
N ALA B 295 36.40 7.38 0.29
CA ALA B 295 36.91 6.23 1.06
C ALA B 295 36.76 4.92 0.26
N ASN B 296 35.61 4.75 -0.37
CA ASN B 296 35.35 3.53 -1.14
C ASN B 296 36.18 3.47 -2.42
N ALA B 297 36.42 4.61 -3.05
CA ALA B 297 37.36 4.72 -4.17
C ALA B 297 38.77 4.31 -3.73
N ALA B 298 39.20 4.82 -2.56
CA ALA B 298 40.49 4.37 -1.99
C ALA B 298 40.53 2.85 -1.77
N ALA B 299 39.41 2.28 -1.32
CA ALA B 299 39.30 0.83 -1.13
C ALA B 299 39.45 0.08 -2.46
N VAL B 300 38.91 0.63 -3.54
CA VAL B 300 39.07 0.01 -4.85
C VAL B 300 40.55 0.03 -5.26
N ARG B 301 41.19 1.20 -5.13
CA ARG B 301 42.60 1.31 -5.49
C ARG B 301 43.47 0.35 -4.70
N ALA B 302 43.16 0.20 -3.42
CA ALA B 302 43.92 -0.68 -2.56
C ALA B 302 43.82 -2.13 -3.04
N VAL B 303 42.60 -2.60 -3.33
CA VAL B 303 42.45 -4.00 -3.79
C VAL B 303 43.12 -4.20 -5.16
N LEU B 304 42.94 -3.24 -6.06
CA LEU B 304 43.49 -3.39 -7.39
C LEU B 304 45.00 -3.34 -7.37
N GLY B 305 45.55 -2.67 -6.36
CA GLY B 305 47.00 -2.52 -6.20
C GLY B 305 47.63 -3.75 -5.56
N GLY B 306 46.81 -4.71 -5.18
CA GLY B 306 47.33 -5.98 -4.65
C GLY B 306 47.31 -6.17 -3.14
N ALA B 307 46.65 -5.28 -2.40
CA ALA B 307 46.56 -5.44 -0.94
C ALA B 307 45.88 -6.77 -0.56
N ARG B 308 46.51 -7.52 0.33
CA ARG B 308 45.94 -8.79 0.80
C ARG B 308 45.01 -8.49 1.96
N GLY B 309 44.01 -9.35 2.15
CA GLY B 309 43.10 -9.15 3.26
C GLY B 309 41.65 -9.47 2.95
N PRO B 310 40.77 -9.17 3.90
CA PRO B 310 39.36 -9.54 3.81
C PRO B 310 38.67 -8.94 2.57
N VAL B 311 38.98 -7.69 2.25
CA VAL B 311 38.28 -7.03 1.13
C VAL B 311 38.67 -7.73 -0.17
N ARG B 312 39.97 -7.94 -0.38
CA ARG B 312 40.41 -8.69 -1.55
C ARG B 312 39.68 -10.02 -1.63
N ASP B 313 39.64 -10.75 -0.52
CA ASP B 313 39.00 -12.05 -0.53
C ASP B 313 37.57 -11.96 -1.00
N ALA B 314 36.83 -10.96 -0.51
CA ALA B 314 35.41 -10.83 -0.90
C ALA B 314 35.27 -10.51 -2.39
N VAL B 315 36.17 -9.65 -2.88
CA VAL B 315 36.17 -9.25 -4.29
C VAL B 315 36.48 -10.44 -5.20
N VAL B 316 37.52 -11.20 -4.86
CA VAL B 316 37.87 -12.41 -5.62
C VAL B 316 36.74 -13.45 -5.64
N LEU B 317 36.08 -13.66 -4.49
CA LEU B 317 34.97 -14.60 -4.41
C LEU B 317 33.83 -14.19 -5.33
N ASN B 318 33.50 -12.91 -5.30
CA ASN B 318 32.39 -12.43 -6.14
C ASN B 318 32.76 -12.37 -7.62
N ALA B 319 34.02 -12.01 -7.93
CA ALA B 319 34.46 -12.08 -9.30
C ALA B 319 34.36 -13.54 -9.79
N ALA B 320 34.79 -14.48 -8.95
CA ALA B 320 34.72 -15.90 -9.35
C ALA B 320 33.26 -16.32 -9.57
N GLY B 321 32.35 -15.89 -8.70
CA GLY B 321 30.92 -16.16 -8.90
C GLY B 321 30.40 -15.72 -10.28
N ALA B 322 30.78 -14.51 -10.71
CA ALA B 322 30.34 -13.99 -12.00
C ALA B 322 30.93 -14.81 -13.15
N ILE B 323 32.17 -15.24 -13.00
CA ILE B 323 32.80 -16.09 -14.00
C ILE B 323 32.08 -17.44 -14.11
N VAL B 324 31.69 -17.99 -12.96
CA VAL B 324 30.90 -19.22 -12.90
C VAL B 324 29.56 -19.05 -13.61
N ALA B 325 28.90 -17.92 -13.37
CA ALA B 325 27.65 -17.63 -14.08
C ALA B 325 27.91 -17.57 -15.59
N HIS B 326 29.00 -16.92 -15.99
CA HIS B 326 29.36 -16.85 -17.41
C HIS B 326 29.61 -18.26 -17.99
N ALA B 327 30.27 -19.11 -17.22
CA ALA B 327 30.60 -20.47 -17.67
C ALA B 327 29.33 -21.26 -17.92
N GLY B 328 28.34 -21.03 -17.07
CA GLY B 328 27.04 -21.71 -17.15
C GLY B 328 26.24 -21.47 -18.43
N LEU B 329 26.62 -20.47 -19.22
CA LEU B 329 25.99 -20.25 -20.52
C LEU B 329 26.24 -21.44 -21.45
N SER B 330 27.43 -22.05 -21.28
CA SER B 330 27.77 -23.33 -21.93
C SER B 330 27.16 -24.49 -21.16
N ALA B 333 29.61 -26.94 -18.64
CA ALA B 333 30.22 -26.43 -17.42
C ALA B 333 29.92 -27.30 -16.19
N GLU B 334 30.94 -27.55 -15.36
CA GLU B 334 30.81 -28.32 -14.10
C GLU B 334 31.07 -27.45 -12.88
N TRP B 335 30.29 -27.62 -11.81
CA TRP B 335 30.26 -26.69 -10.63
C TRP B 335 31.60 -26.43 -9.92
N LEU B 336 32.19 -27.47 -9.33
CA LEU B 336 33.45 -27.25 -8.59
C LEU B 336 34.63 -26.78 -9.48
N PRO B 337 34.86 -27.44 -10.64
CA PRO B 337 35.90 -26.92 -11.53
C PRO B 337 35.63 -25.49 -12.01
N ALA B 338 34.36 -25.12 -12.20
CA ALA B 338 34.04 -23.76 -12.64
C ALA B 338 34.48 -22.77 -11.57
N TRP B 339 34.20 -23.08 -10.31
CA TRP B 339 34.61 -22.21 -9.19
C TRP B 339 36.12 -22.10 -9.07
N GLU B 340 36.79 -23.24 -9.16
CA GLU B 340 38.25 -23.24 -9.06
C GLU B 340 38.84 -22.39 -10.20
N GLU B 341 38.29 -22.53 -11.40
CA GLU B 341 38.75 -21.71 -12.54
C GLU B 341 38.48 -20.21 -12.32
N GLY B 342 37.26 -19.88 -11.88
CA GLY B 342 36.87 -18.48 -11.60
C GLY B 342 37.77 -17.83 -10.55
N LEU B 343 38.08 -18.58 -9.50
CA LEU B 343 38.95 -18.05 -8.45
C LEU B 343 40.38 -17.82 -8.99
N ARG B 344 40.87 -18.75 -9.81
CA ARG B 344 42.22 -18.63 -10.39
C ARG B 344 42.27 -17.42 -11.31
N ARG B 345 41.26 -17.26 -12.16
CA ARG B 345 41.25 -16.18 -13.15
C ARG B 345 41.08 -14.83 -12.47
N ALA B 346 40.26 -14.79 -11.42
CA ALA B 346 40.04 -13.52 -10.71
C ALA B 346 41.31 -13.08 -9.98
N SER B 347 41.94 -14.02 -9.28
CA SER B 347 43.17 -13.73 -8.53
C SER B 347 44.25 -13.27 -9.49
N ALA B 348 44.36 -13.94 -10.63
CA ALA B 348 45.40 -13.59 -11.61
C ALA B 348 45.14 -12.20 -12.23
N ALA B 349 43.88 -11.88 -12.50
CA ALA B 349 43.55 -10.55 -13.03
C ALA B 349 44.01 -9.44 -12.10
N ILE B 350 43.93 -9.66 -10.79
CA ILE B 350 44.45 -8.67 -9.84
C ILE B 350 45.99 -8.70 -9.81
N ASP B 351 46.56 -9.88 -9.62
CA ASP B 351 47.99 -10.06 -9.36
C ASP B 351 48.90 -9.60 -10.52
N THR B 352 48.44 -9.76 -11.75
CA THR B 352 49.18 -9.31 -12.93
C THR B 352 49.12 -7.79 -13.14
N GLY B 353 48.24 -7.13 -12.40
CA GLY B 353 47.98 -5.71 -12.62
C GLY B 353 46.95 -5.47 -13.73
N ALA B 354 46.43 -6.54 -14.33
CA ALA B 354 45.41 -6.36 -15.39
C ALA B 354 44.18 -5.55 -14.95
N ALA B 355 43.71 -5.81 -13.73
CA ALA B 355 42.51 -5.11 -13.19
C ALA B 355 42.81 -3.64 -12.94
N GLU B 356 43.96 -3.35 -12.32
CA GLU B 356 44.38 -1.96 -12.12
C GLU B 356 44.52 -1.23 -13.46
N GLN B 357 45.14 -1.89 -14.44
CA GLN B 357 45.32 -1.29 -15.77
C GLN B 357 43.99 -1.07 -16.50
N LEU B 358 43.05 -1.99 -16.32
CA LEU B 358 41.75 -1.84 -16.98
C LEU B 358 41.02 -0.60 -16.44
N LEU B 359 41.08 -0.40 -15.13
CA LEU B 359 40.46 0.78 -14.53
C LEU B 359 41.07 2.05 -15.12
N ALA B 360 42.39 2.08 -15.21
CA ALA B 360 43.10 3.23 -15.79
C ALA B 360 42.67 3.45 -17.23
N ARG B 361 42.55 2.36 -18.00
CA ARG B 361 42.10 2.48 -19.40
C ARG B 361 40.64 2.95 -19.51
N TRP B 362 39.85 2.58 -18.53
CA TRP B 362 38.45 2.96 -18.52
C TRP B 362 38.35 4.47 -18.26
N VAL B 363 39.15 4.96 -17.31
CA VAL B 363 39.23 6.40 -17.02
C VAL B 363 39.66 7.15 -18.28
N ARG B 364 40.71 6.66 -18.95
CA ARG B 364 41.16 7.32 -20.17
C ARG B 364 40.12 7.33 -21.27
N PHE B 365 39.41 6.21 -21.44
CA PHE B 365 38.38 6.12 -22.45
C PHE B 365 37.37 7.26 -22.33
N GLY B 366 36.89 7.50 -21.11
CA GLY B 366 35.89 8.54 -20.85
C GLY B 366 36.40 9.94 -21.09
N ARG B 367 37.70 10.15 -20.89
CA ARG B 367 38.34 11.45 -21.11
C ARG B 367 38.60 11.76 -22.57
N GLN B 368 38.61 10.71 -23.40
CA GLN B 368 38.98 10.86 -24.81
C GLN B 368 37.72 10.81 -25.68
N ILE B 369 36.58 11.00 -25.04
CA ILE B 369 35.31 11.29 -25.71
C ILE B 369 34.75 10.04 -26.39
C1 PRP C . -22.80 6.78 3.75
C2 PRP C . -22.07 7.77 2.85
C3 PRP C . -23.02 7.84 1.65
C4 PRP C . -23.54 6.39 1.67
C5 PRP C . -23.21 5.68 0.38
O1 PRP C . -24.23 6.92 3.83
O2 PRP C . -21.82 9.04 3.45
O3 PRP C . -24.13 8.74 1.88
O4 PRP C . -22.84 5.77 2.76
O5 PRP C . -21.87 5.95 0.06
P PRP C . -21.23 5.20 -1.20
O1P PRP C . -21.84 3.75 -1.23
O2P PRP C . -21.73 6.03 -2.46
O3P PRP C . -19.75 5.16 -1.16
PA PRP C . -25.26 7.12 5.07
O1A PRP C . -25.40 5.76 5.81
O2A PRP C . -24.84 8.24 5.94
O3A PRP C . -26.70 7.46 4.39
PB PRP C . -27.73 6.48 3.61
O1B PRP C . -29.08 7.19 3.95
O2B PRP C . -27.38 6.72 2.08
O3B PRP C . -27.70 5.08 4.10
MG MG D . -26.45 4.08 5.45
MG MG E . -26.29 2.12 2.66
C1 GOL F . -11.77 18.79 -8.70
O1 GOL F . -13.01 18.30 -9.17
C2 GOL F . -11.61 18.36 -7.26
O2 GOL F . -12.53 19.07 -6.45
C3 GOL F . -10.16 18.59 -6.83
O3 GOL F . -10.06 18.49 -5.43
C1 PRP G . 23.16 -1.44 -5.86
C2 PRP G . 22.69 0.00 -6.14
C3 PRP G . 23.62 0.80 -5.26
C4 PRP G . 23.47 -0.03 -4.01
C5 PRP G . 22.45 0.97 -3.62
O1 PRP G . 24.60 -1.85 -5.80
O2 PRP G . 22.71 0.42 -7.48
O3 PRP G . 24.99 0.76 -5.69
O4 PRP G . 22.89 -1.30 -4.44
O5 PRP G . 21.61 0.46 -2.65
P PRP G . 21.83 1.04 -1.20
O1P PRP G . 20.32 1.26 -0.68
O2P PRP G . 22.37 -0.13 -0.29
O3P PRP G . 22.60 2.30 -1.20
PA PRP G . 25.66 -2.66 -6.84
O1A PRP G . 25.52 -4.17 -6.55
O2A PRP G . 25.33 -2.34 -8.24
O3A PRP G . 27.06 -2.10 -6.47
PB PRP G . 28.05 -2.48 -5.24
O1B PRP G . 29.44 -2.28 -5.89
O2B PRP G . 27.85 -1.26 -4.24
O3B PRP G . 27.73 -3.79 -4.67
MG MG H . 26.30 -4.83 -1.67
MG MG I . 26.41 -5.21 -5.01
CAA 14F J . 15.97 2.99 -12.68
CAB 14F J . 17.22 6.41 -8.41
NAC 14F J . 14.81 7.78 -13.88
OAD 14F J . 15.52 10.04 -10.50
OAE 14F J . 14.73 9.95 -12.56
CAF 14F J . 15.66 5.85 -12.84
CAG 14F J . 16.12 7.34 -10.53
OAH 14F J . 16.53 3.89 -11.69
OAI 14F J . 16.96 5.43 -9.46
CAJ 14F J . 15.25 9.42 -11.55
CAK 14F J . 15.34 7.20 -12.81
CAL 14F J . 16.20 5.22 -11.72
CAM 14F J . 16.43 5.98 -10.56
CAN 14F J . 15.56 7.95 -11.64
#